data_5MB9
#
_entry.id   5MB9
#
_cell.length_a   93.918
_cell.length_b   179.359
_cell.length_c   155.455
_cell.angle_alpha   90.000
_cell.angle_beta   90.000
_cell.angle_gamma   90.000
#
_symmetry.space_group_name_H-M   'C 2 2 21'
#
loop_
_entity.id
_entity.type
_entity.pdbx_description
1 polymer 'Putative heat shock protein'
2 polymer 'Putative ribosome associated protein'
3 non-polymer "ADENOSINE-5'-TRIPHOSPHATE"
4 non-polymer 'MAGNESIUM ION'
5 non-polymer GLYCEROL
6 water water
#
loop_
_entity_poly.entity_id
_entity_poly.type
_entity_poly.pdbx_seq_one_letter_code
_entity_poly.pdbx_strand_id
1 'polypeptide(L)'
;SAMGWSHPQFEKMAESASKAAPGERVVIGITFGNSNSSIAHTVDDKAEVIANEDGDRQIPTILSYVDGDEYYGQQAKNFL
VRNPKNTVAYFRDILGQDFKSVDPTHNHASAHPQEAGDNVVFTIKDKAEEDAEPSTLTVSEIATRYLRRLVGAASEYLGK
KVTSAVITIPTNFTEKQKAALIAAAAAADLEVLQLISEPAAAVLAYDARPEATISDKIIVVADLGGSRSDVTVLASRSGM
YTILATVHDYEYHGIALDKVLIDHFSKEFLKKNPGAKDPRENPRSLAKLRLEAESTKRALSRSTNASFSVESLIDGLDFA
STINRLRYETIARTVFEGFNRLVESAVKKAGLDPLDVDEVIMSGGTSNTPRIAANFRYIFPESTRILAPSTDPSALNPSE
LQARGAALQASLIQEFETEDIEQSTHAAVTTMPHVTNAIGVVSVSESGEEKFVPIIAPETAVPARRTVHLDAPKEGGDVL
VKVVEGSTHINVIKPEPKAKEDGETKEKTEDADDDGDFDDDDEEEEEEEEEEEKREKVWKIGSTLAEAAVRGVKKGAKVE
VTINVNTDLTVIVTAREVGGKGGVRGTLSA
;
A,B
2 'polypeptide(L)' GAMAEKDFKAIGKLTQEGSSMRTLEPVGPHFLAHARRVRHKRTFS C,D
#
# COMPACT_ATOMS: atom_id res chain seq x y z
N GLY A 23 0.33 49.01 8.79
CA GLY A 23 -0.55 48.54 7.74
C GLY A 23 0.17 47.82 6.62
N GLU A 24 1.29 48.40 6.17
CA GLU A 24 2.06 47.80 5.09
C GLU A 24 2.76 46.53 5.57
N ARG A 25 3.38 45.83 4.62
CA ARG A 25 3.83 44.47 4.85
C ARG A 25 5.30 44.29 4.50
N VAL A 26 5.90 43.27 5.12
CA VAL A 26 7.17 42.71 4.71
C VAL A 26 6.89 41.34 4.09
N VAL A 27 7.60 41.02 3.01
CA VAL A 27 7.25 39.86 2.21
C VAL A 27 8.46 38.95 2.05
N ILE A 28 8.19 37.65 1.91
CA ILE A 28 9.19 36.64 1.62
C ILE A 28 8.56 35.59 0.70
N GLY A 29 9.39 34.80 0.06
CA GLY A 29 8.96 33.54 -0.54
C GLY A 29 9.43 32.41 0.32
N ILE A 30 8.51 31.50 0.67
CA ILE A 30 8.77 30.41 1.60
C ILE A 30 8.36 29.11 0.91
N THR A 31 9.34 28.27 0.62
CA THR A 31 9.09 26.92 0.15
C THR A 31 9.08 25.98 1.36
N PHE A 32 8.09 25.08 1.40
CA PHE A 32 7.81 24.21 2.53
C PHE A 32 7.75 22.77 2.03
N GLY A 33 8.80 22.00 2.33
CA GLY A 33 8.92 20.61 1.86
C GLY A 33 8.97 19.59 2.98
N ASN A 34 8.78 18.31 2.64
CA ASN A 34 8.89 17.28 3.66
C ASN A 34 10.31 17.16 4.18
N SER A 35 11.29 17.41 3.32
CA SER A 35 12.70 17.23 3.66
C SER A 35 13.39 18.55 3.95
N ASN A 36 13.25 19.54 3.06
CA ASN A 36 13.89 20.83 3.23
C ASN A 36 12.90 21.95 2.96
N SER A 37 13.15 23.10 3.58
CA SER A 37 12.38 24.31 3.35
C SER A 37 13.34 25.49 3.22
N SER A 38 12.92 26.49 2.45
CA SER A 38 13.76 27.65 2.20
C SER A 38 12.94 28.93 2.34
N ILE A 39 13.66 30.03 2.56
CA ILE A 39 13.08 31.36 2.66
C ILE A 39 13.84 32.28 1.73
N ALA A 40 13.12 33.16 1.05
CA ALA A 40 13.75 34.04 0.08
C ALA A 40 12.98 35.36 0.05
N HIS A 41 13.74 36.46 0.02
CA HIS A 41 13.15 37.79 -0.04
C HIS A 41 13.36 38.39 -1.41
N THR A 42 12.73 39.54 -1.62
CA THR A 42 12.83 40.28 -2.87
C THR A 42 13.72 41.50 -2.69
N VAL A 43 14.73 41.60 -3.54
CA VAL A 43 15.48 42.83 -3.71
C VAL A 43 14.92 43.47 -4.98
N ASP A 44 14.80 44.81 -4.96
CA ASP A 44 14.11 45.54 -6.03
C ASP A 44 14.54 45.06 -7.42
N ASP A 45 15.81 44.68 -7.55
CA ASP A 45 16.32 44.22 -8.84
C ASP A 45 16.10 42.73 -9.04
N LYS A 46 16.36 41.92 -8.02
CA LYS A 46 16.43 40.47 -8.17
C LYS A 46 15.95 39.80 -6.89
N ALA A 47 15.60 38.52 -6.98
CA ALA A 47 15.13 37.74 -5.84
C ALA A 47 16.30 37.07 -5.15
N GLU A 48 16.33 37.16 -3.82
CA GLU A 48 17.43 36.63 -3.01
C GLU A 48 16.92 35.60 -2.03
N VAL A 49 17.57 34.43 -2.01
CA VAL A 49 17.29 33.42 -1.00
C VAL A 49 17.91 33.84 0.32
N ILE A 50 17.12 33.79 1.39
CA ILE A 50 17.59 34.11 2.73
C ILE A 50 18.11 32.85 3.40
N ALA A 51 19.30 32.96 4.01
CA ALA A 51 19.83 31.89 4.82
C ALA A 51 19.44 32.10 6.29
N ASN A 52 19.39 31.01 7.04
CA ASN A 52 19.05 31.07 8.45
C ASN A 52 20.31 31.31 9.29
N GLU A 53 20.14 31.35 10.61
CA GLU A 53 21.27 31.60 11.50
C GLU A 53 22.27 30.45 11.54
N ASP A 54 21.92 29.28 11.03
CA ASP A 54 22.88 28.21 10.86
C ASP A 54 23.66 28.30 9.55
N GLY A 55 23.36 29.31 8.72
CA GLY A 55 24.01 29.45 7.44
C GLY A 55 23.39 28.62 6.33
N ASP A 56 22.26 27.96 6.59
CA ASP A 56 21.65 27.06 5.62
C ASP A 56 20.65 27.82 4.78
N ARG A 57 20.84 27.80 3.46
CA ARG A 57 19.79 28.25 2.56
C ARG A 57 18.73 27.17 2.39
N GLN A 58 19.14 25.90 2.40
CA GLN A 58 18.23 24.76 2.39
C GLN A 58 18.07 24.31 3.84
N ILE A 59 16.92 24.62 4.44
CA ILE A 59 16.67 24.41 5.86
C ILE A 59 15.83 23.15 6.01
N PRO A 60 16.32 22.12 6.72
CA PRO A 60 15.56 20.88 6.86
C PRO A 60 14.24 21.07 7.61
N THR A 61 13.18 20.47 7.08
CA THR A 61 11.86 20.49 7.72
C THR A 61 11.83 19.48 8.87
N ILE A 62 12.53 19.83 9.95
CA ILE A 62 12.70 18.94 11.09
C ILE A 62 12.55 19.76 12.36
N LEU A 63 11.92 19.16 13.38
CA LEU A 63 11.71 19.80 14.67
C LEU A 63 12.02 18.81 15.77
N SER A 64 12.77 19.24 16.77
CA SER A 64 13.27 18.35 17.82
C SER A 64 13.34 19.11 19.13
N TYR A 65 13.34 18.35 20.23
CA TYR A 65 13.38 18.94 21.57
C TYR A 65 14.39 18.18 22.43
N VAL A 66 15.29 18.94 23.07
CA VAL A 66 16.29 18.40 23.99
C VAL A 66 16.34 19.32 25.20
N ASP A 67 16.03 18.76 26.38
CA ASP A 67 16.07 19.50 27.65
C ASP A 67 15.20 20.76 27.58
N GLY A 68 14.05 20.65 26.91
CA GLY A 68 13.11 21.74 26.81
C GLY A 68 13.42 22.78 25.77
N ASP A 69 14.61 22.75 25.17
CA ASP A 69 14.99 23.71 24.14
C ASP A 69 14.55 23.22 22.76
N GLU A 70 13.97 24.11 21.98
CA GLU A 70 13.51 23.76 20.64
C GLU A 70 14.61 23.97 19.61
N TYR A 71 14.80 22.98 18.75
CA TYR A 71 15.74 23.06 17.64
C TYR A 71 14.98 22.74 16.37
N TYR A 72 15.37 23.42 15.29
CA TYR A 72 14.75 23.22 13.99
C TYR A 72 15.84 23.20 12.93
N GLY A 73 15.47 22.78 11.73
CA GLY A 73 16.43 22.81 10.64
C GLY A 73 17.54 21.81 10.84
N GLN A 74 18.77 22.26 10.60
CA GLN A 74 19.92 21.37 10.69
C GLN A 74 20.12 20.85 12.10
N GLN A 75 20.02 21.73 13.10
CA GLN A 75 20.22 21.31 14.49
C GLN A 75 19.27 20.17 14.87
N ALA A 76 17.99 20.30 14.52
CA ALA A 76 17.05 19.22 14.76
C ALA A 76 17.40 17.98 13.94
N LYS A 77 17.93 18.17 12.73
CA LYS A 77 18.29 17.04 11.88
C LYS A 77 19.37 16.18 12.53
N ASN A 78 20.30 16.80 13.25
CA ASN A 78 21.36 16.06 13.91
C ASN A 78 20.86 15.20 15.06
N PHE A 79 19.83 15.65 15.77
CA PHE A 79 19.37 14.91 16.94
C PHE A 79 18.62 13.64 16.58
N LEU A 80 18.49 13.32 15.29
CA LEU A 80 17.86 12.08 14.88
C LEU A 80 18.66 10.85 15.32
N VAL A 81 19.92 11.03 15.73
CA VAL A 81 20.77 9.94 16.17
C VAL A 81 20.55 9.66 17.66
N ARG A 82 20.89 10.62 18.52
CA ARG A 82 20.78 10.44 19.96
C ARG A 82 19.39 10.71 20.51
N ASN A 83 18.47 11.27 19.73
CA ASN A 83 17.15 11.66 20.22
C ASN A 83 16.08 11.40 19.16
N PRO A 84 15.95 10.16 18.69
CA PRO A 84 15.00 9.92 17.59
C PRO A 84 13.54 10.14 17.97
N LYS A 85 13.16 9.78 19.20
CA LYS A 85 11.75 9.76 19.57
C LYS A 85 11.17 11.13 19.86
N ASN A 86 11.99 12.12 20.19
CA ASN A 86 11.50 13.48 20.39
C ASN A 86 11.77 14.39 19.19
N THR A 87 11.86 13.81 18.00
CA THR A 87 12.14 14.56 16.79
C THR A 87 11.10 14.25 15.74
N VAL A 88 10.55 15.29 15.11
CA VAL A 88 9.51 15.16 14.11
C VAL A 88 10.05 15.61 12.75
N ALA A 89 9.95 14.74 11.76
CA ALA A 89 10.34 15.06 10.39
C ALA A 89 9.33 14.44 9.43
N TYR A 90 9.36 14.93 8.18
CA TYR A 90 8.50 14.40 7.11
C TYR A 90 7.01 14.52 7.46
N PHE A 91 6.61 15.71 7.89
CA PHE A 91 5.23 15.94 8.31
C PHE A 91 4.42 16.83 7.37
N ARG A 92 5.02 17.41 6.34
CA ARG A 92 4.25 18.27 5.45
C ARG A 92 3.15 17.48 4.73
N ASP A 93 3.47 16.28 4.24
CA ASP A 93 2.49 15.46 3.53
C ASP A 93 1.54 14.78 4.50
N ILE A 94 1.51 15.26 5.74
CA ILE A 94 0.62 14.73 6.76
C ILE A 94 -0.43 15.74 7.20
N LEU A 95 -0.27 17.03 6.89
CA LEU A 95 -1.32 18.00 7.16
C LEU A 95 -2.57 17.65 6.36
N GLY A 96 -3.74 17.95 6.95
CA GLY A 96 -5.02 17.70 6.30
C GLY A 96 -5.21 16.29 5.79
N GLN A 97 -4.44 15.35 6.31
CA GLN A 97 -4.43 13.96 5.86
C GLN A 97 -5.27 13.08 6.79
N ASP A 98 -6.12 12.25 6.21
CA ASP A 98 -6.68 11.13 6.95
C ASP A 98 -5.56 10.17 7.36
N PHE A 99 -5.72 9.56 8.53
CA PHE A 99 -4.62 8.83 9.14
C PHE A 99 -4.14 7.67 8.26
N LYS A 100 -5.07 6.99 7.59
CA LYS A 100 -4.68 5.85 6.77
C LYS A 100 -4.00 6.27 5.47
N SER A 101 -4.30 7.47 4.97
CA SER A 101 -3.75 7.88 3.69
C SER A 101 -2.25 8.11 3.78
N VAL A 102 -1.74 8.44 4.96
CA VAL A 102 -0.32 8.72 5.13
C VAL A 102 0.45 7.40 5.14
N ASP A 103 1.69 7.45 4.67
CA ASP A 103 2.58 6.31 4.76
C ASP A 103 3.64 6.62 5.80
N PRO A 104 3.56 6.02 7.00
CA PRO A 104 4.50 6.39 8.07
C PRO A 104 5.85 5.72 7.91
N THR A 105 6.14 5.27 6.68
CA THR A 105 7.40 4.62 6.38
C THR A 105 8.59 5.50 6.79
N HIS A 106 8.53 6.78 6.44
CA HIS A 106 9.65 7.68 6.65
C HIS A 106 9.76 8.17 8.10
N ASN A 107 8.67 8.17 8.86
CA ASN A 107 8.73 8.59 10.26
C ASN A 107 9.17 7.49 11.21
N HIS A 108 9.41 6.28 10.72
CA HIS A 108 9.81 5.18 11.60
C HIS A 108 11.12 5.48 12.30
N ALA A 109 12.05 6.14 11.61
CA ALA A 109 13.33 6.51 12.21
C ALA A 109 13.15 7.51 13.34
N SER A 110 12.20 8.44 13.21
CA SER A 110 11.99 9.50 14.17
C SER A 110 10.73 9.21 14.99
N ALA A 111 10.09 10.27 15.50
CA ALA A 111 8.87 10.11 16.26
C ALA A 111 7.75 9.58 15.36
N HIS A 112 7.01 8.59 15.84
CA HIS A 112 5.99 7.98 14.98
C HIS A 112 4.69 8.78 15.04
N PRO A 113 3.99 8.91 13.91
CA PRO A 113 2.68 9.55 13.92
C PRO A 113 1.65 8.70 14.65
N GLN A 114 0.67 9.37 15.25
CA GLN A 114 -0.37 8.66 15.97
C GLN A 114 -1.72 9.28 15.67
N GLU A 115 -2.75 8.46 15.82
CA GLU A 115 -4.10 8.84 15.46
C GLU A 115 -4.80 9.49 16.65
N ALA A 116 -5.51 10.58 16.37
CA ALA A 116 -6.38 11.21 17.36
C ALA A 116 -7.74 11.43 16.70
N GLY A 117 -8.42 10.32 16.45
CA GLY A 117 -9.65 10.37 15.68
C GLY A 117 -9.38 10.73 14.23
N ASP A 118 -9.74 11.96 13.88
CA ASP A 118 -9.53 12.47 12.52
C ASP A 118 -8.13 13.03 12.32
N ASN A 119 -7.46 13.47 13.38
CA ASN A 119 -6.22 14.22 13.26
C ASN A 119 -5.01 13.32 13.55
N VAL A 120 -3.88 13.68 12.95
CA VAL A 120 -2.62 12.98 13.15
C VAL A 120 -1.80 13.73 14.19
N VAL A 121 -1.25 13.01 15.17
CA VAL A 121 -0.58 13.61 16.30
C VAL A 121 0.72 12.85 16.59
N PHE A 122 1.66 13.57 17.22
CA PHE A 122 2.95 13.01 17.63
C PHE A 122 3.11 13.11 19.14
N THR A 123 3.76 12.11 19.73
CA THR A 123 4.07 12.08 21.16
C THR A 123 5.56 12.35 21.33
N ILE A 124 5.90 13.53 21.88
CA ILE A 124 7.29 13.95 22.04
C ILE A 124 7.45 14.66 23.37
N LYS A 125 8.64 14.52 23.96
CA LYS A 125 8.97 15.16 25.23
C LYS A 125 9.55 16.54 24.93
N ASP A 126 8.70 17.56 24.91
CA ASP A 126 9.13 18.92 24.67
C ASP A 126 9.28 19.74 25.95
N LYS A 127 8.91 19.16 27.09
CA LYS A 127 9.03 19.85 28.36
C LYS A 127 10.40 19.58 28.98
N ALA A 128 10.87 20.54 29.78
CA ALA A 128 12.19 20.41 30.38
C ALA A 128 12.20 19.38 31.51
N GLU A 129 11.11 19.33 32.27
CA GLU A 129 11.08 18.48 33.45
C GLU A 129 11.00 17.00 33.06
N GLU A 130 11.82 16.18 33.71
CA GLU A 130 11.92 14.77 33.31
C GLU A 130 10.62 14.02 33.59
N ASP A 131 10.00 14.27 34.75
CA ASP A 131 8.80 13.54 35.12
C ASP A 131 7.55 14.02 34.36
N ALA A 132 7.64 15.12 33.63
CA ALA A 132 6.47 15.62 32.91
C ALA A 132 6.08 14.66 31.81
N GLU A 133 4.77 14.60 31.55
CA GLU A 133 4.27 13.70 30.53
C GLU A 133 4.61 14.23 29.14
N PRO A 134 4.82 13.34 28.17
CA PRO A 134 5.09 13.79 26.81
C PRO A 134 3.87 14.45 26.20
N SER A 135 4.11 15.54 25.48
CA SER A 135 3.03 16.29 24.85
C SER A 135 2.57 15.61 23.57
N THR A 136 1.26 15.40 23.46
CA THR A 136 0.66 14.92 22.22
C THR A 136 0.25 16.14 21.39
N LEU A 137 0.99 16.39 20.31
CA LEU A 137 0.81 17.59 19.50
C LEU A 137 0.30 17.22 18.11
N THR A 138 -0.65 18.01 17.63
CA THR A 138 -1.18 17.81 16.28
C THR A 138 -0.12 18.12 15.23
N VAL A 139 -0.23 17.44 14.09
CA VAL A 139 0.67 17.72 12.98
C VAL A 139 0.55 19.18 12.56
N SER A 140 -0.63 19.79 12.76
CA SER A 140 -0.82 21.20 12.48
C SER A 140 0.02 22.06 13.43
N GLU A 141 0.00 21.73 14.72
CA GLU A 141 0.80 22.48 15.68
C GLU A 141 2.29 22.31 15.40
N ILE A 142 2.71 21.11 14.99
CA ILE A 142 4.10 20.90 14.58
C ILE A 142 4.45 21.87 13.46
N ALA A 143 3.66 21.88 12.39
CA ALA A 143 3.88 22.83 11.30
C ALA A 143 3.88 24.27 11.81
N THR A 144 3.05 24.56 12.81
CA THR A 144 2.94 25.93 13.32
C THR A 144 4.22 26.39 14.01
N ARG A 145 4.82 25.52 14.84
CA ARG A 145 6.03 25.91 15.57
C ARG A 145 7.22 26.06 14.63
N TYR A 146 7.33 25.19 13.63
CA TYR A 146 8.45 25.27 12.68
C TYR A 146 8.36 26.54 11.83
N LEU A 147 7.17 26.83 11.29
CA LEU A 147 6.98 28.05 10.51
C LEU A 147 7.36 29.30 11.30
N ARG A 148 7.08 29.31 12.61
CA ARG A 148 7.46 30.46 13.43
C ARG A 148 8.97 30.68 13.41
N ARG A 149 9.74 29.60 13.62
CA ARG A 149 11.20 29.70 13.57
C ARG A 149 11.68 30.03 12.16
N LEU A 150 11.05 29.44 11.14
CA LEU A 150 11.45 29.65 9.76
C LEU A 150 11.38 31.12 9.38
N VAL A 151 10.20 31.73 9.58
CA VAL A 151 10.04 33.16 9.31
C VAL A 151 10.99 33.97 10.17
N GLY A 152 11.14 33.59 11.43
CA GLY A 152 12.00 34.35 12.34
C GLY A 152 13.44 34.43 11.86
N ALA A 153 13.95 33.36 11.25
CA ALA A 153 15.30 33.40 10.71
C ALA A 153 15.40 34.42 9.58
N ALA A 154 14.36 34.50 8.75
CA ALA A 154 14.29 35.56 7.76
C ALA A 154 14.10 36.92 8.42
N SER A 155 13.28 36.98 9.47
CA SER A 155 13.08 38.23 10.20
C SER A 155 14.41 38.78 10.70
N GLU A 156 15.24 37.92 11.30
CA GLU A 156 16.53 38.37 11.83
C GLU A 156 17.43 38.89 10.71
N TYR A 157 17.48 38.20 9.58
CA TYR A 157 18.30 38.66 8.46
C TYR A 157 17.82 40.01 7.96
N LEU A 158 16.51 40.16 7.78
CA LEU A 158 15.94 41.39 7.27
C LEU A 158 15.87 42.50 8.32
N GLY A 159 16.15 42.19 9.58
CA GLY A 159 16.02 43.14 10.65
C GLY A 159 14.60 43.58 10.96
N LYS A 160 13.61 43.04 10.27
CA LYS A 160 12.23 43.47 10.38
C LYS A 160 11.32 42.26 10.53
N LYS A 161 10.30 42.38 11.38
CA LYS A 161 9.30 41.33 11.52
C LYS A 161 8.58 41.12 10.20
N VAL A 162 8.45 39.86 9.80
CA VAL A 162 7.89 39.51 8.50
C VAL A 162 6.39 39.27 8.62
N THR A 163 5.61 40.08 7.92
CA THR A 163 4.15 39.98 8.02
C THR A 163 3.58 38.92 7.08
N SER A 164 4.08 38.84 5.86
CA SER A 164 3.43 38.06 4.82
C SER A 164 4.44 37.27 4.00
N ALA A 165 3.93 36.24 3.33
CA ALA A 165 4.74 35.43 2.42
C ALA A 165 3.80 34.66 1.51
N VAL A 166 4.36 34.12 0.43
CA VAL A 166 3.66 33.21 -0.47
C VAL A 166 4.33 31.85 -0.38
N ILE A 167 3.53 30.79 -0.29
CA ILE A 167 4.00 29.45 0.03
C ILE A 167 3.74 28.55 -1.16
N THR A 168 4.75 27.77 -1.54
CA THR A 168 4.62 26.84 -2.65
C THR A 168 3.93 25.56 -2.21
N ILE A 169 3.18 24.95 -3.14
CA ILE A 169 2.39 23.76 -2.84
C ILE A 169 2.43 22.80 -4.01
N PRO A 170 2.23 21.51 -3.74
CA PRO A 170 2.12 20.54 -4.83
C PRO A 170 0.75 20.62 -5.49
N THR A 171 0.66 20.01 -6.68
CA THR A 171 -0.56 20.13 -7.48
C THR A 171 -1.70 19.25 -6.99
N ASN A 172 -1.42 18.07 -6.43
CA ASN A 172 -2.48 17.10 -6.19
C ASN A 172 -3.04 17.09 -4.77
N PHE A 173 -2.49 17.89 -3.85
CA PHE A 173 -3.05 17.86 -2.50
C PHE A 173 -4.34 18.70 -2.44
N THR A 174 -5.30 18.22 -1.65
CA THR A 174 -6.64 18.76 -1.61
C THR A 174 -6.72 20.09 -0.87
N GLU A 175 -7.87 20.75 -1.03
CA GLU A 175 -8.15 21.99 -0.30
C GLU A 175 -8.19 21.77 1.20
N LYS A 176 -8.46 20.55 1.65
CA LYS A 176 -8.34 20.24 3.08
C LYS A 176 -6.93 20.52 3.57
N GLN A 177 -5.92 20.11 2.80
CA GLN A 177 -4.54 20.40 3.19
C GLN A 177 -4.24 21.89 3.07
N LYS A 178 -4.72 22.53 2.00
CA LYS A 178 -4.46 23.95 1.78
C LYS A 178 -4.97 24.78 2.95
N ALA A 179 -6.24 24.59 3.32
CA ALA A 179 -6.80 25.29 4.47
C ALA A 179 -6.02 24.98 5.74
N ALA A 180 -5.61 23.72 5.92
CA ALA A 180 -4.81 23.36 7.07
C ALA A 180 -3.50 24.13 7.10
N LEU A 181 -2.85 24.27 5.95
CA LEU A 181 -1.62 25.05 5.88
C LEU A 181 -1.88 26.51 6.25
N ILE A 182 -2.94 27.10 5.68
CA ILE A 182 -3.29 28.48 6.01
C ILE A 182 -3.59 28.63 7.49
N ALA A 183 -4.28 27.65 8.07
CA ALA A 183 -4.59 27.70 9.50
C ALA A 183 -3.32 27.68 10.34
N ALA A 184 -2.42 26.73 10.06
CA ALA A 184 -1.17 26.66 10.81
C ALA A 184 -0.34 27.93 10.59
N ALA A 185 -0.36 28.48 9.38
CA ALA A 185 0.33 29.73 9.13
C ALA A 185 -0.35 30.88 9.86
N ALA A 186 -1.68 30.86 9.90
CA ALA A 186 -2.40 31.84 10.71
C ALA A 186 -2.07 31.64 12.19
N ALA A 187 -1.99 30.38 12.63
CA ALA A 187 -1.58 30.09 14.00
C ALA A 187 -0.13 30.49 14.26
N ALA A 188 0.67 30.68 13.21
CA ALA A 188 2.02 31.20 13.35
C ALA A 188 2.10 32.70 13.09
N ASP A 189 0.95 33.40 13.14
CA ASP A 189 0.84 34.85 12.91
C ASP A 189 1.52 35.29 11.61
N LEU A 190 1.49 34.41 10.60
CA LEU A 190 2.04 34.69 9.28
C LEU A 190 0.88 34.82 8.29
N GLU A 191 0.90 35.90 7.49
CA GLU A 191 -0.14 36.15 6.51
C GLU A 191 0.23 35.50 5.18
N VAL A 192 -0.55 34.52 4.76
CA VAL A 192 -0.37 33.88 3.46
C VAL A 192 -1.15 34.68 2.42
N LEU A 193 -0.44 35.24 1.45
CA LEU A 193 -1.10 36.01 0.40
C LEU A 193 -1.82 35.05 -0.56
N GLN A 194 -1.06 34.25 -1.30
CA GLN A 194 -1.62 33.22 -2.16
C GLN A 194 -0.84 31.93 -1.97
N LEU A 195 -1.48 30.82 -2.35
CA LEU A 195 -0.83 29.52 -2.43
C LEU A 195 -0.58 29.22 -3.91
N ILE A 196 0.69 29.16 -4.28
CA ILE A 196 1.07 28.89 -5.66
C ILE A 196 1.70 27.51 -5.73
N SER A 197 1.77 26.97 -6.95
CA SER A 197 2.22 25.61 -7.15
C SER A 197 3.72 25.54 -7.34
N GLU A 198 4.32 24.48 -6.81
CA GLU A 198 5.76 24.27 -6.91
C GLU A 198 6.31 24.27 -8.32
N PRO A 199 5.65 23.70 -9.35
CA PRO A 199 6.19 23.84 -10.71
C PRO A 199 6.10 25.25 -11.26
N ALA A 200 4.95 25.90 -11.10
CA ALA A 200 4.78 27.26 -11.62
C ALA A 200 5.78 28.21 -10.99
N ALA A 201 6.08 28.03 -9.69
CA ALA A 201 7.11 28.83 -9.04
C ALA A 201 8.45 28.68 -9.76
N ALA A 202 8.80 27.46 -10.16
CA ALA A 202 10.08 27.23 -10.85
C ALA A 202 10.14 28.00 -12.16
N VAL A 203 9.05 27.97 -12.94
CA VAL A 203 9.03 28.70 -14.20
C VAL A 203 9.14 30.19 -13.96
N LEU A 204 8.31 30.73 -13.06
CA LEU A 204 8.39 32.13 -12.68
C LEU A 204 9.80 32.51 -12.25
N ALA A 205 10.48 31.63 -11.53
CA ALA A 205 11.83 31.90 -11.07
C ALA A 205 12.81 32.12 -12.22
N TYR A 206 12.48 31.62 -13.41
CA TYR A 206 13.31 31.80 -14.60
C TYR A 206 12.83 32.96 -15.47
N ASP A 207 11.52 33.03 -15.75
CA ASP A 207 11.02 34.04 -16.67
C ASP A 207 11.16 35.46 -16.11
N ALA A 208 11.11 35.61 -14.78
CA ALA A 208 11.20 36.94 -14.20
C ALA A 208 12.61 37.52 -14.25
N ARG A 209 13.63 36.66 -14.39
CA ARG A 209 15.00 37.15 -14.49
C ARG A 209 15.16 38.01 -15.76
N PRO A 210 16.11 38.95 -15.76
CA PRO A 210 16.30 39.77 -16.97
C PRO A 210 16.83 38.98 -18.15
N GLU A 211 17.68 37.98 -17.92
CA GLU A 211 18.27 37.22 -19.03
C GLU A 211 17.22 36.45 -19.80
N ALA A 212 16.20 35.95 -19.11
CA ALA A 212 15.14 35.21 -19.79
C ALA A 212 14.36 36.12 -20.73
N THR A 213 13.80 35.51 -21.77
CA THR A 213 12.98 36.20 -22.76
C THR A 213 11.65 35.45 -22.81
N ILE A 214 10.57 36.12 -22.40
CA ILE A 214 9.28 35.45 -22.39
C ILE A 214 8.90 35.13 -23.84
N SER A 215 8.25 33.99 -24.02
CA SER A 215 7.87 33.51 -25.34
C SER A 215 6.86 32.38 -25.14
N ASP A 216 6.36 31.85 -26.25
CA ASP A 216 5.44 30.73 -26.23
C ASP A 216 6.22 29.45 -26.45
N LYS A 217 6.25 28.58 -25.44
CA LYS A 217 6.98 27.33 -25.50
C LYS A 217 6.40 26.38 -24.46
N ILE A 218 6.50 25.09 -24.74
CA ILE A 218 5.98 24.04 -23.86
C ILE A 218 7.08 23.60 -22.90
N ILE A 219 6.83 23.79 -21.60
CA ILE A 219 7.83 23.55 -20.56
C ILE A 219 7.43 22.33 -19.75
N VAL A 220 8.43 21.56 -19.33
CA VAL A 220 8.24 20.43 -18.44
C VAL A 220 9.14 20.63 -17.23
N VAL A 221 8.56 20.59 -16.04
CA VAL A 221 9.29 20.84 -14.79
C VAL A 221 9.42 19.51 -14.05
N ALA A 222 10.65 19.12 -13.76
CA ALA A 222 10.96 17.87 -13.07
C ALA A 222 11.46 18.21 -11.67
N ASP A 223 10.55 18.14 -10.69
CA ASP A 223 10.85 18.45 -9.30
C ASP A 223 11.26 17.17 -8.58
N LEU A 224 12.57 16.93 -8.50
CA LEU A 224 13.11 15.77 -7.81
C LEU A 224 13.39 16.12 -6.35
N GLY A 225 12.70 15.45 -5.43
CA GLY A 225 12.79 15.73 -4.02
C GLY A 225 13.44 14.62 -3.22
N GLY A 226 13.26 14.68 -1.91
CA GLY A 226 13.74 13.64 -1.03
C GLY A 226 12.81 12.44 -0.93
N SER A 227 11.58 12.69 -0.50
CA SER A 227 10.59 11.63 -0.29
C SER A 227 9.61 11.50 -1.44
N ARG A 228 9.73 12.35 -2.46
CA ARG A 228 8.78 12.37 -3.57
C ARG A 228 9.44 13.04 -4.77
N SER A 229 8.89 12.76 -5.95
CA SER A 229 9.31 13.42 -7.17
C SER A 229 8.06 13.76 -7.97
N ASP A 230 7.96 15.01 -8.42
CA ASP A 230 6.82 15.48 -9.20
C ASP A 230 7.31 15.98 -10.55
N VAL A 231 6.69 15.50 -11.61
CA VAL A 231 6.93 15.98 -12.97
C VAL A 231 5.67 16.67 -13.46
N THR A 232 5.83 17.88 -14.00
CA THR A 232 4.69 18.68 -14.45
C THR A 232 4.99 19.27 -15.81
N VAL A 233 4.02 19.19 -16.72
CA VAL A 233 4.14 19.73 -18.07
C VAL A 233 3.26 20.97 -18.16
N LEU A 234 3.83 22.09 -18.54
CA LEU A 234 3.12 23.36 -18.66
C LEU A 234 3.15 23.84 -20.11
N ALA A 235 2.27 24.78 -20.41
CA ALA A 235 2.27 25.51 -21.68
C ALA A 235 2.45 26.99 -21.37
N SER A 236 3.66 27.50 -21.61
CA SER A 236 3.94 28.93 -21.45
C SER A 236 3.58 29.64 -22.75
N ARG A 237 2.50 30.42 -22.72
CA ARG A 237 2.04 31.22 -23.84
C ARG A 237 1.81 32.65 -23.35
N SER A 238 2.32 33.63 -24.11
CA SER A 238 2.18 35.03 -23.75
C SER A 238 2.72 35.29 -22.34
N GLY A 239 3.76 34.56 -21.95
CA GLY A 239 4.32 34.68 -20.63
C GLY A 239 3.41 34.20 -19.51
N MET A 240 2.31 33.54 -19.84
CA MET A 240 1.38 33.00 -18.86
C MET A 240 1.36 31.47 -18.95
N TYR A 241 1.23 30.82 -17.80
CA TYR A 241 1.44 29.39 -17.66
C TYR A 241 0.12 28.66 -17.47
N THR A 242 -0.14 27.66 -18.30
CA THR A 242 -1.30 26.80 -18.20
C THR A 242 -0.83 25.35 -18.15
N ILE A 243 -1.35 24.59 -17.20
CA ILE A 243 -0.80 23.29 -16.81
C ILE A 243 -1.53 22.19 -17.58
N LEU A 244 -0.76 21.37 -18.29
CA LEU A 244 -1.32 20.37 -19.20
C LEU A 244 -1.41 18.98 -18.60
N ALA A 245 -0.41 18.55 -17.84
CA ALA A 245 -0.45 17.22 -17.24
C ALA A 245 0.46 17.21 -16.02
N THR A 246 0.15 16.32 -15.07
CA THR A 246 0.93 16.20 -13.86
C THR A 246 1.12 14.72 -13.53
N VAL A 247 2.31 14.39 -13.02
CA VAL A 247 2.67 13.03 -12.66
C VAL A 247 3.42 13.08 -11.33
N HIS A 248 3.04 12.18 -10.41
CA HIS A 248 3.67 12.09 -9.10
C HIS A 248 4.18 10.68 -8.88
N ASP A 249 5.29 10.57 -8.17
CA ASP A 249 5.88 9.28 -7.87
C ASP A 249 6.59 9.35 -6.53
N TYR A 250 6.28 8.41 -5.64
CA TYR A 250 6.79 8.38 -4.28
C TYR A 250 7.81 7.26 -4.10
N GLU A 251 8.36 6.78 -5.20
CA GLU A 251 9.27 5.64 -5.25
C GLU A 251 10.67 6.00 -5.73
N TYR A 252 10.80 6.99 -6.62
CA TYR A 252 12.08 7.42 -7.19
C TYR A 252 12.36 8.84 -6.72
N HIS A 253 13.39 8.99 -5.90
CA HIS A 253 13.63 10.25 -5.19
C HIS A 253 15.02 10.16 -4.55
N GLY A 254 15.37 11.18 -3.76
CA GLY A 254 16.68 11.22 -3.14
C GLY A 254 16.87 10.16 -2.06
N ILE A 255 15.79 9.80 -1.37
CA ILE A 255 15.88 8.79 -0.32
C ILE A 255 16.30 7.44 -0.90
N ALA A 256 15.77 7.09 -2.07
CA ALA A 256 16.19 5.87 -2.75
C ALA A 256 17.69 5.92 -3.05
N LEU A 257 18.15 7.05 -3.55
CA LEU A 257 19.59 7.22 -3.81
C LEU A 257 20.39 7.09 -2.52
N ASP A 258 19.93 7.73 -1.45
CA ASP A 258 20.57 7.57 -0.14
C ASP A 258 20.69 6.09 0.23
N LYS A 259 19.65 5.31 -0.06
CA LYS A 259 19.70 3.88 0.20
C LYS A 259 20.78 3.20 -0.62
N VAL A 260 20.91 3.60 -1.90
CA VAL A 260 21.94 3.03 -2.77
C VAL A 260 23.31 3.19 -2.14
N LEU A 261 23.57 4.36 -1.55
CA LEU A 261 24.83 4.57 -0.86
C LEU A 261 24.88 3.81 0.45
N ILE A 262 23.78 3.81 1.22
CA ILE A 262 23.77 3.12 2.51
C ILE A 262 24.09 1.64 2.33
N ASP A 263 23.43 0.99 1.37
CA ASP A 263 23.70 -0.42 1.09
C ASP A 263 25.14 -0.62 0.63
N HIS A 264 25.57 0.18 -0.36
CA HIS A 264 26.92 0.05 -0.89
C HIS A 264 27.98 0.13 0.20
N PHE A 265 27.87 1.13 1.08
CA PHE A 265 28.88 1.31 2.12
C PHE A 265 28.71 0.31 3.27
N SER A 266 27.49 -0.14 3.53
CA SER A 266 27.30 -1.13 4.58
C SER A 266 27.93 -2.48 4.21
N LYS A 267 27.76 -2.91 2.95
CA LYS A 267 28.41 -4.13 2.52
C LYS A 267 29.93 -4.02 2.67
N GLU A 268 30.47 -2.83 2.39
CA GLU A 268 31.91 -2.62 2.51
C GLU A 268 32.37 -2.69 3.98
N PHE A 269 31.55 -2.21 4.91
CA PHE A 269 31.93 -2.21 6.31
C PHE A 269 32.08 -3.63 6.86
N LEU A 270 31.11 -4.50 6.56
CA LEU A 270 31.16 -5.87 7.06
C LEU A 270 32.35 -6.62 6.48
N LYS A 271 32.61 -6.46 5.18
CA LYS A 271 33.77 -7.11 4.57
C LYS A 271 35.07 -6.71 5.26
N LYS A 272 35.20 -5.42 5.62
CA LYS A 272 36.41 -4.96 6.27
C LYS A 272 36.47 -5.32 7.74
N ASN A 273 35.31 -5.31 8.42
CA ASN A 273 35.23 -5.61 9.85
C ASN A 273 34.37 -6.85 10.05
N PRO A 274 34.94 -8.04 9.86
CA PRO A 274 34.14 -9.27 9.95
C PRO A 274 33.66 -9.51 11.37
N GLY A 275 32.45 -10.04 11.49
CA GLY A 275 31.87 -10.36 12.78
C GLY A 275 31.03 -9.26 13.40
N ALA A 276 31.21 -8.01 12.99
CA ALA A 276 30.49 -6.91 13.61
C ALA A 276 29.02 -6.95 13.21
N LYS A 277 28.17 -6.32 14.02
CA LYS A 277 26.76 -6.22 13.65
C LYS A 277 26.61 -5.40 12.38
N ASP A 278 25.61 -5.76 11.59
CA ASP A 278 25.27 -4.96 10.42
C ASP A 278 24.77 -3.62 10.90
N PRO A 279 25.42 -2.51 10.56
CA PRO A 279 24.99 -1.21 11.09
C PRO A 279 23.57 -0.82 10.69
N ARG A 280 22.98 -1.47 9.68
CA ARG A 280 21.58 -1.20 9.38
C ARG A 280 20.64 -1.75 10.45
N GLU A 281 21.07 -2.74 11.23
CA GLU A 281 20.19 -3.40 12.20
C GLU A 281 20.14 -2.68 13.54
N ASN A 282 20.88 -1.58 13.72
CA ASN A 282 20.84 -0.80 14.94
C ASN A 282 20.30 0.58 14.59
N PRO A 283 19.22 1.04 15.22
CA PRO A 283 18.65 2.34 14.84
C PRO A 283 19.65 3.49 14.90
N ARG A 284 20.42 3.59 15.98
CA ARG A 284 21.37 4.68 16.11
C ARG A 284 22.45 4.60 15.03
N SER A 285 22.95 3.39 14.76
CA SER A 285 23.95 3.22 13.71
C SER A 285 23.36 3.54 12.33
N LEU A 286 22.12 3.10 12.08
CA LEU A 286 21.48 3.38 10.80
C LEU A 286 21.20 4.87 10.63
N ALA A 287 20.80 5.54 11.71
CA ALA A 287 20.58 6.98 11.64
C ALA A 287 21.85 7.70 11.23
N LYS A 288 23.00 7.25 11.75
CA LYS A 288 24.28 7.82 11.32
C LYS A 288 24.52 7.57 9.84
N LEU A 289 24.15 6.37 9.36
CA LEU A 289 24.35 6.05 7.94
C LEU A 289 23.54 7.00 7.05
N ARG A 290 22.27 7.23 7.41
CA ARG A 290 21.40 8.04 6.56
C ARG A 290 21.96 9.45 6.41
N LEU A 291 22.35 10.08 7.53
CA LEU A 291 22.93 11.41 7.49
C LEU A 291 24.16 11.45 6.59
N GLU A 292 25.08 10.49 6.78
CA GLU A 292 26.34 10.51 6.04
C GLU A 292 26.16 10.12 4.58
N ALA A 293 25.27 9.18 4.29
CA ALA A 293 24.99 8.81 2.91
C ALA A 293 24.51 10.01 2.12
N GLU A 294 23.58 10.78 2.69
CA GLU A 294 23.12 12.01 2.05
C GLU A 294 24.27 12.99 1.85
N SER A 295 25.08 13.19 2.90
CA SER A 295 26.16 14.16 2.82
C SER A 295 27.17 13.80 1.73
N THR A 296 27.47 12.51 1.58
CA THR A 296 28.32 12.08 0.49
C THR A 296 27.64 12.31 -0.86
N LYS A 297 26.35 11.97 -0.95
CA LYS A 297 25.59 12.19 -2.18
C LYS A 297 25.70 13.65 -2.64
N ARG A 298 25.58 14.59 -1.71
CA ARG A 298 25.68 16.00 -2.07
C ARG A 298 27.06 16.35 -2.60
N ALA A 299 28.11 15.81 -1.98
CA ALA A 299 29.46 16.02 -2.48
C ALA A 299 29.63 15.45 -3.88
N LEU A 300 29.00 14.30 -4.14
CA LEU A 300 29.09 13.68 -5.46
C LEU A 300 28.39 14.49 -6.53
N SER A 301 27.54 15.45 -6.14
CA SER A 301 26.94 16.36 -7.11
C SER A 301 27.87 17.52 -7.45
N ARG A 302 28.74 17.89 -6.53
CA ARG A 302 29.70 18.97 -6.74
C ARG A 302 31.08 18.47 -7.15
N SER A 303 31.47 17.27 -6.72
CA SER A 303 32.82 16.77 -6.95
C SER A 303 32.75 15.38 -7.59
N THR A 304 33.87 14.97 -8.17
CA THR A 304 34.00 13.65 -8.77
C THR A 304 34.49 12.61 -7.78
N ASN A 305 34.74 13.01 -6.53
CA ASN A 305 35.21 12.10 -5.49
C ASN A 305 34.76 12.64 -4.15
N ALA A 306 34.30 11.75 -3.28
CA ALA A 306 33.72 12.13 -2.01
C ALA A 306 34.04 11.07 -0.97
N SER A 307 34.22 11.52 0.27
CA SER A 307 34.50 10.62 1.39
C SER A 307 33.22 10.30 2.14
N PHE A 308 33.21 9.14 2.79
CA PHE A 308 32.09 8.67 3.59
C PHE A 308 32.65 8.12 4.89
N SER A 309 32.18 8.65 6.01
CA SER A 309 32.72 8.22 7.29
C SER A 309 31.68 8.37 8.40
N VAL A 310 31.79 7.49 9.39
CA VAL A 310 30.92 7.50 10.56
C VAL A 310 31.79 7.22 11.77
N GLU A 311 31.64 8.05 12.82
CA GLU A 311 32.39 7.88 14.05
C GLU A 311 31.65 6.92 14.98
N SER A 312 32.33 5.86 15.39
CA SER A 312 31.73 4.79 16.20
C SER A 312 30.39 4.36 15.61
N LEU A 313 30.45 3.98 14.33
CA LEU A 313 29.27 3.51 13.60
C LEU A 313 28.51 2.46 14.41
N ILE A 314 29.17 1.33 14.69
CA ILE A 314 28.57 0.28 15.50
C ILE A 314 29.73 -0.50 16.12
N ASP A 315 29.49 -1.03 17.33
CA ASP A 315 30.51 -1.72 18.11
C ASP A 315 31.74 -0.85 18.34
N GLY A 316 31.55 0.47 18.36
CA GLY A 316 32.65 1.38 18.61
C GLY A 316 33.73 1.38 17.55
N LEU A 317 33.36 1.17 16.29
CA LEU A 317 34.31 1.12 15.19
C LEU A 317 34.03 2.27 14.24
N ASP A 318 35.04 3.11 14.02
CA ASP A 318 34.94 4.14 13.00
C ASP A 318 35.00 3.48 11.63
N PHE A 319 34.25 4.03 10.69
CA PHE A 319 34.30 3.57 9.31
C PHE A 319 34.69 4.75 8.44
N ALA A 320 35.57 4.48 7.46
CA ALA A 320 36.06 5.51 6.57
C ALA A 320 36.21 4.89 5.19
N SER A 321 35.72 5.59 4.18
CA SER A 321 35.81 5.12 2.81
C SER A 321 35.66 6.32 1.87
N THR A 322 35.69 6.03 0.58
CA THR A 322 35.52 7.03 -0.46
C THR A 322 34.70 6.41 -1.58
N ILE A 323 34.32 7.25 -2.54
CA ILE A 323 33.67 6.78 -3.75
C ILE A 323 33.77 7.89 -4.77
N ASN A 324 34.03 7.50 -6.02
CA ASN A 324 34.05 8.47 -7.10
C ASN A 324 32.68 8.51 -7.78
N ARG A 325 32.45 9.58 -8.54
CA ARG A 325 31.13 9.80 -9.13
C ARG A 325 30.75 8.67 -10.07
N LEU A 326 31.72 8.19 -10.87
CA LEU A 326 31.41 7.20 -11.90
C LEU A 326 30.89 5.90 -11.30
N ARG A 327 31.47 5.45 -10.19
CA ARG A 327 30.95 4.26 -9.53
C ARG A 327 29.57 4.53 -8.95
N TYR A 328 29.38 5.69 -8.33
CA TYR A 328 28.08 6.06 -7.78
C TYR A 328 27.00 6.03 -8.86
N GLU A 329 27.27 6.67 -10.00
CA GLU A 329 26.35 6.60 -11.13
C GLU A 329 26.07 5.16 -11.56
N THR A 330 27.03 4.26 -11.35
CA THR A 330 26.80 2.85 -11.69
C THR A 330 25.83 2.21 -10.71
N ILE A 331 26.06 2.37 -9.41
CA ILE A 331 25.18 1.76 -8.43
C ILE A 331 23.83 2.46 -8.37
N ALA A 332 23.76 3.71 -8.82
CA ALA A 332 22.51 4.46 -8.83
C ALA A 332 21.86 4.48 -10.20
N ARG A 333 22.32 3.64 -11.13
CA ARG A 333 21.76 3.62 -12.47
C ARG A 333 20.27 3.25 -12.46
N THR A 334 19.90 2.27 -11.64
CA THR A 334 18.52 1.79 -11.60
C THR A 334 17.55 2.92 -11.30
N VAL A 335 17.84 3.72 -10.26
CA VAL A 335 16.95 4.80 -9.87
C VAL A 335 16.90 5.88 -10.95
N PHE A 336 18.07 6.29 -11.45
CA PHE A 336 18.13 7.33 -12.49
C PHE A 336 17.18 7.01 -13.64
N GLU A 337 17.16 5.76 -14.09
CA GLU A 337 16.27 5.37 -15.18
C GLU A 337 14.81 5.49 -14.77
N GLY A 338 14.52 5.36 -13.48
CA GLY A 338 13.17 5.64 -13.00
C GLY A 338 12.75 7.07 -13.28
N PHE A 339 13.66 8.02 -13.07
CA PHE A 339 13.37 9.42 -13.39
C PHE A 339 13.03 9.59 -14.87
N ASN A 340 13.78 8.92 -15.75
CA ASN A 340 13.49 9.01 -17.18
C ASN A 340 12.06 8.59 -17.49
N ARG A 341 11.61 7.49 -16.88
CA ARG A 341 10.26 7.01 -17.13
C ARG A 341 9.20 7.96 -16.56
N LEU A 342 9.54 8.70 -15.50
CA LEU A 342 8.63 9.73 -15.00
C LEU A 342 8.40 10.81 -16.04
N VAL A 343 9.49 11.35 -16.60
CA VAL A 343 9.37 12.42 -17.59
C VAL A 343 8.62 11.93 -18.82
N GLU A 344 8.99 10.75 -19.31
CA GLU A 344 8.33 10.19 -20.48
C GLU A 344 6.85 9.96 -20.22
N SER A 345 6.49 9.48 -19.03
CA SER A 345 5.08 9.29 -18.70
C SER A 345 4.33 10.62 -18.67
N ALA A 346 4.95 11.66 -18.10
CA ALA A 346 4.27 12.96 -18.00
C ALA A 346 4.08 13.58 -19.37
N VAL A 347 5.13 13.63 -20.18
CA VAL A 347 5.02 14.13 -21.54
C VAL A 347 4.00 13.31 -22.32
N LYS A 348 3.99 12.00 -22.11
CA LYS A 348 2.96 11.15 -22.72
C LYS A 348 1.59 11.49 -22.18
N LYS A 349 1.50 11.79 -20.88
CA LYS A 349 0.20 12.09 -20.27
C LYS A 349 -0.40 13.37 -20.84
N ALA A 350 0.44 14.28 -21.32
CA ALA A 350 -0.04 15.50 -21.96
C ALA A 350 -0.49 15.27 -23.40
N GLY A 351 -0.33 14.05 -23.91
CA GLY A 351 -0.58 13.81 -25.31
C GLY A 351 0.51 14.36 -26.21
N LEU A 352 1.74 14.38 -25.73
CA LEU A 352 2.87 15.00 -26.42
C LEU A 352 3.99 13.99 -26.63
N ASP A 353 4.99 14.43 -27.40
CA ASP A 353 6.23 13.77 -27.72
C ASP A 353 7.39 14.64 -27.23
N PRO A 354 8.54 14.04 -26.89
CA PRO A 354 9.70 14.86 -26.49
C PRO A 354 10.09 15.91 -27.53
N LEU A 355 9.65 15.72 -28.78
CA LEU A 355 9.86 16.74 -29.81
C LEU A 355 9.05 18.00 -29.51
N ASP A 356 7.89 17.85 -28.88
CA ASP A 356 7.04 18.99 -28.58
C ASP A 356 7.58 19.86 -27.45
N VAL A 357 8.59 19.39 -26.72
CA VAL A 357 9.09 20.08 -25.54
C VAL A 357 10.19 21.04 -25.96
N ASP A 358 10.10 22.27 -25.47
CA ASP A 358 11.10 23.32 -25.75
C ASP A 358 12.12 23.44 -24.63
N GLU A 359 11.66 23.59 -23.39
CA GLU A 359 12.53 23.67 -22.22
C GLU A 359 12.13 22.57 -21.24
N VAL A 360 13.10 22.13 -20.44
CA VAL A 360 12.82 21.31 -19.27
C VAL A 360 13.47 22.01 -18.08
N ILE A 361 12.65 22.51 -17.17
CA ILE A 361 13.13 23.22 -16.00
C ILE A 361 13.38 22.18 -14.91
N MET A 362 14.66 21.93 -14.62
CA MET A 362 15.02 20.97 -13.58
C MET A 362 14.96 21.68 -12.23
N SER A 363 14.22 21.09 -11.31
CA SER A 363 14.01 21.67 -9.98
C SER A 363 14.10 20.57 -8.94
N GLY A 364 14.12 20.98 -7.69
CA GLY A 364 14.23 20.04 -6.59
C GLY A 364 15.67 19.69 -6.25
N GLY A 365 15.84 19.14 -5.04
CA GLY A 365 17.17 18.97 -4.51
C GLY A 365 17.99 17.93 -5.23
N THR A 366 17.33 16.91 -5.78
CA THR A 366 18.04 15.84 -6.48
C THR A 366 18.45 16.26 -7.89
N SER A 367 17.86 17.33 -8.42
CA SER A 367 18.21 17.81 -9.75
C SER A 367 19.64 18.37 -9.83
N ASN A 368 20.32 18.56 -8.69
CA ASN A 368 21.73 18.88 -8.74
C ASN A 368 22.58 17.70 -9.20
N THR A 369 22.01 16.51 -9.29
CA THR A 369 22.76 15.37 -9.78
C THR A 369 23.16 15.61 -11.22
N PRO A 370 24.45 15.58 -11.56
CA PRO A 370 24.83 15.85 -12.96
C PRO A 370 24.35 14.78 -13.92
N ARG A 371 24.35 13.52 -13.52
CA ARG A 371 23.99 12.47 -14.45
C ARG A 371 22.53 12.59 -14.92
N ILE A 372 21.62 13.00 -14.02
CA ILE A 372 20.21 13.12 -14.40
C ILE A 372 20.04 14.07 -15.58
N ALA A 373 20.76 15.19 -15.56
CA ALA A 373 20.71 16.10 -16.70
C ALA A 373 21.23 15.42 -17.97
N ALA A 374 22.35 14.68 -17.85
CA ALA A 374 22.90 13.99 -19.01
C ALA A 374 21.91 12.98 -19.59
N ASN A 375 21.23 12.22 -18.74
CA ASN A 375 20.20 11.30 -19.23
C ASN A 375 19.09 12.06 -19.95
N PHE A 376 18.70 13.23 -19.43
CA PHE A 376 17.62 13.99 -20.04
C PHE A 376 18.03 14.54 -21.39
N ARG A 377 19.31 14.91 -21.54
CA ARG A 377 19.80 15.37 -22.84
C ARG A 377 19.65 14.27 -23.90
N TYR A 378 19.94 13.03 -23.53
CA TYR A 378 19.79 11.91 -24.45
C TYR A 378 18.33 11.66 -24.79
N ILE A 379 17.44 11.82 -23.81
CA ILE A 379 16.02 11.57 -24.02
C ILE A 379 15.43 12.59 -25.00
N PHE A 380 15.89 13.83 -24.94
CA PHE A 380 15.27 14.92 -25.69
C PHE A 380 16.10 15.34 -26.90
N PRO A 381 15.48 15.97 -27.90
CA PRO A 381 16.25 16.47 -29.04
C PRO A 381 17.22 17.56 -28.64
N GLU A 382 18.16 17.84 -29.55
CA GLU A 382 19.15 18.89 -29.33
C GLU A 382 18.50 20.26 -29.24
N SER A 383 17.32 20.41 -29.83
CA SER A 383 16.59 21.69 -29.73
C SER A 383 16.19 21.97 -28.29
N THR A 384 15.78 20.94 -27.56
CA THR A 384 15.19 21.13 -26.22
C THR A 384 16.22 21.66 -25.24
N ARG A 385 15.81 22.67 -24.47
CA ARG A 385 16.69 23.33 -23.51
C ARG A 385 16.63 22.59 -22.18
N ILE A 386 17.80 22.25 -21.63
CA ILE A 386 17.90 21.56 -20.36
C ILE A 386 18.55 22.52 -19.38
N LEU A 387 17.79 22.96 -18.37
CA LEU A 387 18.24 24.01 -17.46
C LEU A 387 18.69 23.38 -16.15
N ALA A 388 20.00 23.20 -16.02
CA ALA A 388 20.69 22.71 -14.83
C ALA A 388 22.10 23.24 -14.90
N PRO A 389 22.74 23.50 -13.76
CA PRO A 389 24.09 24.11 -13.78
C PRO A 389 25.12 23.36 -14.62
N SER A 390 24.83 22.10 -14.99
CA SER A 390 25.77 21.30 -15.76
C SER A 390 25.43 21.24 -17.25
N THR A 391 24.27 21.76 -17.67
CA THR A 391 23.88 21.71 -19.07
C THR A 391 23.45 23.06 -19.65
N ASP A 392 23.65 24.16 -18.92
CA ASP A 392 23.27 25.46 -19.46
C ASP A 392 23.96 26.58 -18.67
N PRO A 393 24.67 27.48 -19.36
CA PRO A 393 25.33 28.58 -18.65
C PRO A 393 24.35 29.52 -17.96
N SER A 394 23.10 29.57 -18.40
CA SER A 394 22.10 30.46 -17.83
C SER A 394 21.28 29.80 -16.72
N ALA A 395 21.57 28.54 -16.39
CA ALA A 395 20.73 27.82 -15.46
C ALA A 395 20.92 28.33 -14.02
N LEU A 396 19.89 28.08 -13.20
CA LEU A 396 19.86 28.48 -11.80
C LEU A 396 20.00 27.27 -10.89
N ASN A 397 20.29 27.55 -9.62
CA ASN A 397 20.37 26.53 -8.58
C ASN A 397 19.02 25.83 -8.46
N PRO A 398 18.94 24.52 -8.74
CA PRO A 398 17.62 23.85 -8.71
C PRO A 398 16.92 23.90 -7.36
N SER A 399 17.65 23.99 -6.25
CA SER A 399 17.01 24.07 -4.94
C SER A 399 16.31 25.41 -4.72
N GLU A 400 16.85 26.49 -5.29
CA GLU A 400 16.37 27.83 -4.99
C GLU A 400 15.16 28.25 -5.80
N LEU A 401 14.87 27.55 -6.90
CA LEU A 401 13.85 27.98 -7.86
C LEU A 401 12.53 28.33 -7.17
N GLN A 402 11.96 27.36 -6.44
CA GLN A 402 10.62 27.56 -5.87
C GLN A 402 10.59 28.74 -4.91
N ALA A 403 11.61 28.87 -4.06
CA ALA A 403 11.66 30.01 -3.13
C ALA A 403 11.76 31.32 -3.89
N ARG A 404 12.55 31.35 -4.97
CA ARG A 404 12.59 32.54 -5.81
C ARG A 404 11.24 32.81 -6.45
N GLY A 405 10.62 31.77 -7.01
CA GLY A 405 9.27 31.90 -7.53
C GLY A 405 8.30 32.46 -6.51
N ALA A 406 8.30 31.89 -5.30
CA ALA A 406 7.46 32.41 -4.23
C ALA A 406 7.82 33.85 -3.88
N ALA A 407 9.12 34.13 -3.75
CA ALA A 407 9.56 35.49 -3.41
C ALA A 407 9.05 36.50 -4.42
N LEU A 408 9.20 36.21 -5.71
CA LEU A 408 8.73 37.12 -6.75
C LEU A 408 7.22 37.30 -6.66
N GLN A 409 6.46 36.19 -6.65
CA GLN A 409 5.01 36.27 -6.54
C GLN A 409 4.58 37.06 -5.32
N ALA A 410 5.18 36.79 -4.17
CA ALA A 410 4.89 37.57 -2.97
C ALA A 410 5.21 39.05 -3.18
N SER A 411 6.32 39.33 -3.88
CA SER A 411 6.72 40.72 -4.10
C SER A 411 5.69 41.49 -4.90
N LEU A 412 5.11 40.85 -5.94
CA LEU A 412 4.16 41.55 -6.79
C LEU A 412 2.81 41.76 -6.11
N ILE A 413 2.40 40.83 -5.24
CA ILE A 413 1.06 40.87 -4.67
C ILE A 413 0.95 41.88 -3.52
N GLN A 414 2.05 42.15 -2.83
CA GLN A 414 2.03 42.84 -1.54
C GLN A 414 1.18 44.11 -1.52
N GLU A 415 1.01 44.78 -2.66
CA GLU A 415 0.22 46.01 -2.68
C GLU A 415 -1.28 45.74 -2.71
N PHE A 416 -1.70 44.59 -3.24
CA PHE A 416 -3.13 44.33 -3.43
C PHE A 416 -3.77 43.86 -2.13
N GLU A 417 -5.10 43.69 -2.17
CA GLU A 417 -5.89 43.30 -1.00
C GLU A 417 -6.46 41.90 -1.19
N THR A 418 -6.93 41.32 -0.08
CA THR A 418 -7.24 39.90 -0.05
C THR A 418 -8.51 39.55 -0.81
N GLU A 419 -9.48 40.46 -0.87
CA GLU A 419 -10.65 40.19 -1.71
C GLU A 419 -10.26 40.21 -3.19
N ASP A 420 -9.31 41.08 -3.55
CA ASP A 420 -8.82 41.11 -4.92
C ASP A 420 -8.20 39.77 -5.31
N ILE A 421 -7.43 39.17 -4.40
CA ILE A 421 -6.72 37.93 -4.71
C ILE A 421 -7.70 36.75 -4.75
N GLU A 422 -8.66 36.72 -3.82
CA GLU A 422 -9.50 35.54 -3.68
C GLU A 422 -10.48 35.38 -4.84
N GLN A 423 -11.17 36.46 -5.22
CA GLN A 423 -12.13 36.36 -6.31
C GLN A 423 -11.46 36.29 -7.68
N SER A 424 -10.32 36.95 -7.86
CA SER A 424 -9.62 36.86 -9.14
C SER A 424 -9.06 35.46 -9.37
N THR A 425 -8.83 34.70 -8.30
CA THR A 425 -8.21 33.40 -8.42
C THR A 425 -9.15 32.40 -9.10
N HIS A 426 -10.37 32.25 -8.60
CA HIS A 426 -11.23 31.18 -9.08
C HIS A 426 -11.91 31.54 -10.40
N ALA A 427 -12.41 32.78 -10.53
CA ALA A 427 -13.23 33.14 -11.69
C ALA A 427 -12.39 33.37 -12.93
N ALA A 428 -11.34 34.20 -12.81
CA ALA A 428 -10.55 34.55 -13.98
C ALA A 428 -9.71 33.38 -14.48
N VAL A 429 -9.20 32.57 -13.55
CA VAL A 429 -8.27 31.50 -13.95
C VAL A 429 -9.01 30.37 -14.67
N THR A 430 -10.24 30.08 -14.26
CA THR A 430 -10.97 28.97 -14.88
C THR A 430 -11.51 29.35 -16.26
N THR A 431 -12.00 30.57 -16.40
CA THR A 431 -12.85 30.91 -17.54
C THR A 431 -12.11 30.84 -18.86
N MET A 432 -10.82 31.17 -18.88
CA MET A 432 -10.12 31.30 -20.15
C MET A 432 -9.99 29.96 -20.86
N PRO A 433 -10.52 29.82 -22.08
CA PRO A 433 -10.29 28.60 -22.86
C PRO A 433 -9.06 28.71 -23.75
N HIS A 434 -8.61 27.56 -24.22
CA HIS A 434 -7.38 27.45 -25.00
C HIS A 434 -7.67 26.76 -26.32
N VAL A 435 -7.07 27.26 -27.40
CA VAL A 435 -7.29 26.69 -28.73
C VAL A 435 -6.53 25.38 -28.84
N THR A 436 -7.19 24.36 -29.42
CA THR A 436 -6.58 23.04 -29.50
C THR A 436 -5.66 22.88 -30.70
N ASN A 437 -5.82 23.69 -31.74
CA ASN A 437 -4.95 23.66 -32.90
C ASN A 437 -4.17 24.95 -33.02
N ALA A 438 -2.96 24.84 -33.58
CA ALA A 438 -2.22 26.02 -33.96
C ALA A 438 -2.88 26.68 -35.18
N ILE A 439 -2.64 27.97 -35.33
CA ILE A 439 -3.11 28.73 -36.48
C ILE A 439 -1.96 29.57 -37.02
N GLY A 440 -1.75 29.51 -38.33
CA GLY A 440 -0.69 30.26 -38.98
C GLY A 440 -1.01 30.52 -40.43
N VAL A 441 -0.16 31.32 -41.06
CA VAL A 441 -0.21 31.56 -42.50
C VAL A 441 0.55 30.46 -43.22
N VAL A 442 0.02 30.04 -44.36
CA VAL A 442 0.65 28.99 -45.16
C VAL A 442 1.55 29.63 -46.22
N SER A 443 2.78 29.13 -46.34
CA SER A 443 3.72 29.61 -47.35
C SER A 443 4.33 28.40 -48.05
N VAL A 444 3.80 28.06 -49.22
CA VAL A 444 4.35 26.99 -50.04
C VAL A 444 5.33 27.60 -51.03
N SER A 445 6.22 26.76 -51.56
CA SER A 445 7.22 27.17 -52.55
C SER A 445 8.13 28.27 -52.00
N LYS A 451 4.57 25.04 -47.32
CA LYS A 451 4.72 24.67 -45.92
C LYS A 451 3.86 25.56 -45.01
N PHE A 452 3.96 25.29 -43.71
CA PHE A 452 3.14 25.92 -42.70
C PHE A 452 4.05 26.50 -41.62
N VAL A 453 3.86 27.77 -41.31
CA VAL A 453 4.59 28.46 -40.25
C VAL A 453 3.60 28.82 -39.13
N PRO A 454 3.87 28.44 -37.89
CA PRO A 454 2.94 28.80 -36.81
C PRO A 454 3.07 30.27 -36.44
N ILE A 455 1.92 30.89 -36.15
CA ILE A 455 1.86 32.25 -35.65
C ILE A 455 1.42 32.28 -34.19
N ILE A 456 0.35 31.58 -33.88
CA ILE A 456 -0.15 31.42 -32.51
C ILE A 456 -0.02 29.94 -32.19
N ALA A 457 0.88 29.60 -31.28
CA ALA A 457 1.16 28.20 -31.01
C ALA A 457 -0.10 27.55 -30.45
N PRO A 458 -0.27 26.24 -30.63
CA PRO A 458 -1.47 25.58 -30.13
C PRO A 458 -1.51 25.71 -28.61
N GLU A 459 -2.70 25.49 -28.05
CA GLU A 459 -2.94 25.55 -26.61
C GLU A 459 -2.74 26.94 -26.05
N THR A 460 -2.78 27.97 -26.89
CA THR A 460 -2.68 29.36 -26.44
C THR A 460 -4.03 29.83 -25.89
N ALA A 461 -3.97 30.56 -24.79
CA ALA A 461 -5.17 31.06 -24.14
C ALA A 461 -5.72 32.27 -24.87
N VAL A 462 -7.05 32.35 -24.95
CA VAL A 462 -7.70 33.43 -25.67
C VAL A 462 -8.06 34.54 -24.67
N PRO A 463 -8.03 35.79 -25.12
CA PRO A 463 -7.62 36.24 -26.46
C PRO A 463 -6.14 36.65 -26.50
N ALA A 464 -5.46 36.45 -27.64
CA ALA A 464 -4.06 36.82 -27.76
C ALA A 464 -3.80 37.40 -29.15
N ARG A 465 -2.57 37.87 -29.35
CA ARG A 465 -2.15 38.48 -30.60
C ARG A 465 -0.71 38.08 -30.89
N ARG A 466 -0.42 37.77 -32.16
CA ARG A 466 0.94 37.43 -32.57
C ARG A 466 1.20 37.97 -33.97
N THR A 467 2.45 38.33 -34.24
CA THR A 467 2.84 38.84 -35.54
C THR A 467 4.33 38.62 -35.74
N VAL A 468 4.71 38.24 -36.96
CA VAL A 468 6.11 38.04 -37.35
C VAL A 468 6.29 38.52 -38.79
N HIS A 469 7.53 38.44 -39.27
CA HIS A 469 7.87 38.86 -40.63
C HIS A 469 8.23 37.68 -41.52
N GLY A 476 9.12 38.50 -56.29
CA GLY A 476 8.83 39.05 -57.60
C GLY A 476 7.34 39.12 -57.90
N GLY A 477 6.57 39.64 -56.95
CA GLY A 477 5.15 39.77 -57.16
C GLY A 477 4.43 40.15 -55.87
N ASP A 478 3.11 40.06 -55.93
CA ASP A 478 2.26 40.42 -54.81
C ASP A 478 2.30 39.34 -53.73
N VAL A 479 1.95 39.75 -52.51
CA VAL A 479 1.98 38.87 -51.34
C VAL A 479 0.58 38.37 -51.05
N LEU A 480 0.45 37.06 -50.83
CA LEU A 480 -0.86 36.42 -50.59
C LEU A 480 -0.81 35.70 -49.25
N VAL A 481 -1.48 36.26 -48.24
CA VAL A 481 -1.52 35.69 -46.89
C VAL A 481 -2.78 34.86 -46.70
N LYS A 482 -2.60 33.60 -46.31
CA LYS A 482 -3.69 32.62 -46.16
C LYS A 482 -3.60 32.01 -44.77
N VAL A 483 -4.56 32.34 -43.91
CA VAL A 483 -4.58 31.86 -42.53
C VAL A 483 -5.31 30.52 -42.49
N VAL A 484 -4.70 29.53 -41.84
CA VAL A 484 -5.23 28.17 -41.74
C VAL A 484 -5.00 27.64 -40.34
N GLU A 485 -5.67 26.53 -40.03
CA GLU A 485 -5.41 25.80 -38.80
C GLU A 485 -4.28 24.82 -39.03
N GLY A 486 -3.53 24.54 -37.96
CA GLY A 486 -2.41 23.63 -38.07
C GLY A 486 -2.30 22.69 -36.88
N SER A 487 -1.93 21.44 -37.15
CA SER A 487 -1.69 20.46 -36.10
C SER A 487 -0.30 19.86 -36.29
N THR A 488 0.19 19.22 -35.24
CA THR A 488 1.52 18.63 -35.25
C THR A 488 1.37 17.12 -35.32
N HIS A 489 2.06 16.50 -36.28
CA HIS A 489 2.11 15.05 -36.40
C HIS A 489 3.56 14.59 -36.44
N ILE A 490 3.76 13.29 -36.30
CA ILE A 490 5.08 12.67 -36.29
C ILE A 490 5.09 11.56 -37.33
N ASN A 491 6.14 11.54 -38.16
CA ASN A 491 6.25 10.58 -39.26
C ASN A 491 7.51 9.75 -39.10
N VAL A 492 7.33 8.42 -39.14
CA VAL A 492 8.43 7.48 -38.96
C VAL A 492 9.03 7.21 -40.34
N ILE A 493 10.14 7.89 -40.66
CA ILE A 493 10.77 7.75 -41.98
C ILE A 493 12.28 7.98 -41.88
N LYS A 534 13.95 7.83 -39.38
CA LYS A 534 13.35 8.02 -38.06
C LYS A 534 12.25 9.08 -38.06
N ARG A 535 11.97 9.66 -36.89
CA ARG A 535 10.82 10.51 -36.64
C ARG A 535 11.18 11.99 -36.65
N GLU A 536 10.21 12.83 -37.03
CA GLU A 536 10.36 14.28 -36.95
C GLU A 536 8.97 14.93 -36.96
N LYS A 537 8.92 16.14 -36.41
CA LYS A 537 7.67 16.89 -36.30
C LYS A 537 7.23 17.40 -37.68
N VAL A 538 5.95 17.24 -38.00
CA VAL A 538 5.39 17.80 -39.24
C VAL A 538 4.10 18.54 -38.93
N TRP A 539 3.66 19.34 -39.90
CA TRP A 539 2.45 20.15 -39.78
C TRP A 539 1.48 19.74 -40.88
N LYS A 540 0.28 19.32 -40.49
CA LYS A 540 -0.81 19.11 -41.44
C LYS A 540 -1.73 20.31 -41.42
N ILE A 541 -2.15 20.75 -42.60
CA ILE A 541 -2.90 21.99 -42.76
C ILE A 541 -4.38 21.71 -42.55
N GLY A 542 -4.99 22.41 -41.60
CA GLY A 542 -6.40 22.30 -41.32
C GLY A 542 -7.23 23.22 -42.18
N SER A 543 -8.47 23.45 -41.72
CA SER A 543 -9.40 24.29 -42.47
C SER A 543 -8.89 25.72 -42.57
N THR A 544 -9.21 26.35 -43.70
CA THR A 544 -8.82 27.74 -43.94
C THR A 544 -9.83 28.67 -43.28
N LEU A 545 -9.33 29.68 -42.57
CA LEU A 545 -10.17 30.60 -41.82
C LEU A 545 -10.55 31.81 -42.66
N ALA A 546 -9.55 32.58 -43.09
CA ALA A 546 -9.77 33.70 -44.00
C ALA A 546 -8.58 33.82 -44.92
N GLU A 547 -8.81 34.38 -46.11
CA GLU A 547 -7.77 34.55 -47.11
C GLU A 547 -7.68 36.01 -47.52
N ALA A 548 -6.47 36.44 -47.88
CA ALA A 548 -6.09 37.85 -47.96
C ALA A 548 -4.91 38.00 -48.92
N ALA A 549 -4.89 39.10 -49.67
CA ALA A 549 -3.81 39.37 -50.62
C ALA A 549 -3.59 40.87 -50.70
N VAL A 550 -2.34 41.28 -50.58
CA VAL A 550 -1.92 42.67 -50.78
C VAL A 550 -1.05 42.69 -52.02
N ARG A 551 -1.34 43.63 -52.93
CA ARG A 551 -1.01 43.46 -54.34
C ARG A 551 0.27 44.13 -54.80
N GLY A 552 0.76 45.20 -54.14
CA GLY A 552 1.90 45.90 -54.73
C GLY A 552 3.15 46.07 -53.90
N VAL A 553 3.89 44.99 -53.65
CA VAL A 553 5.14 45.06 -52.91
C VAL A 553 6.31 44.42 -53.67
N LYS A 554 6.04 43.52 -54.61
CA LYS A 554 7.04 42.94 -55.51
C LYS A 554 8.18 42.25 -54.79
N LYS A 555 9.38 42.81 -54.92
CA LYS A 555 10.64 42.18 -54.55
C LYS A 555 10.96 42.19 -53.07
N GLY A 556 10.21 42.95 -52.26
CA GLY A 556 10.49 43.02 -50.83
C GLY A 556 10.63 41.67 -50.16
N ALA A 557 11.50 41.57 -49.14
CA ALA A 557 11.86 40.26 -48.59
C ALA A 557 10.94 39.78 -47.48
N LYS A 558 10.20 40.66 -46.81
CA LYS A 558 9.54 40.30 -45.56
C LYS A 558 8.07 40.66 -45.58
N VAL A 559 7.28 39.95 -44.78
CA VAL A 559 5.83 40.12 -44.70
C VAL A 559 5.40 40.08 -43.24
N GLU A 560 4.90 41.19 -42.71
CA GLU A 560 4.41 41.24 -41.34
C GLU A 560 2.90 40.98 -41.33
N VAL A 561 2.48 39.92 -40.64
CA VAL A 561 1.07 39.57 -40.54
C VAL A 561 0.72 39.44 -39.06
N THR A 562 -0.36 40.09 -38.65
CA THR A 562 -0.84 40.08 -37.28
C THR A 562 -2.28 39.63 -37.24
N ILE A 563 -2.63 38.83 -36.24
CA ILE A 563 -3.91 38.15 -36.17
C ILE A 563 -4.33 38.07 -34.70
N ASN A 564 -5.59 38.39 -34.42
CA ASN A 564 -6.09 38.50 -33.05
C ASN A 564 -7.27 37.57 -32.88
N VAL A 565 -7.14 36.60 -31.98
CA VAL A 565 -8.25 35.71 -31.63
C VAL A 565 -9.03 36.40 -30.52
N ASN A 566 -10.34 36.11 -30.45
CA ASN A 566 -11.21 36.76 -29.49
C ASN A 566 -11.89 35.72 -28.61
N THR A 567 -12.42 36.20 -27.47
CA THR A 567 -13.16 35.34 -26.55
C THR A 567 -14.32 34.63 -27.22
N ASP A 568 -14.95 35.27 -28.21
CA ASP A 568 -16.06 34.66 -28.95
C ASP A 568 -15.58 33.77 -30.09
N LEU A 569 -14.34 33.29 -30.03
CA LEU A 569 -13.73 32.43 -31.05
C LEU A 569 -13.57 33.14 -32.39
N THR A 570 -13.69 34.46 -32.41
CA THR A 570 -13.53 35.24 -33.63
C THR A 570 -12.05 35.41 -33.98
N VAL A 571 -11.78 35.54 -35.28
CA VAL A 571 -10.43 35.65 -35.83
C VAL A 571 -10.34 36.93 -36.63
N ILE A 572 -9.35 37.77 -36.31
CA ILE A 572 -9.20 39.10 -36.89
C ILE A 572 -7.80 39.26 -37.47
N VAL A 573 -7.70 39.28 -38.80
CA VAL A 573 -6.44 39.52 -39.52
C VAL A 573 -6.41 40.96 -40.03
N THR A 574 -5.25 41.61 -39.92
CA THR A 574 -5.05 42.96 -40.42
C THR A 574 -3.85 42.98 -41.35
N ALA A 575 -3.93 43.77 -42.43
CA ALA A 575 -2.89 43.79 -43.45
C ALA A 575 -2.27 45.19 -43.55
N ARG A 576 -0.97 45.28 -43.25
CA ARG A 576 -0.17 46.48 -43.51
C ARG A 576 1.32 46.17 -43.40
N GLU A 577 1.76 45.17 -44.16
CA GLU A 577 3.12 44.60 -44.12
C GLU A 577 4.00 45.20 -45.22
N VAL A 578 5.22 45.54 -44.84
CA VAL A 578 6.19 46.10 -45.75
C VAL A 578 7.38 45.18 -45.89
N GLU B 24 -21.12 -51.59 3.93
CA GLU B 24 -20.32 -50.46 4.38
C GLU B 24 -20.33 -49.31 3.38
N ARG B 25 -19.61 -48.24 3.70
CA ARG B 25 -19.65 -47.01 2.92
C ARG B 25 -18.27 -46.37 2.89
N VAL B 26 -18.00 -45.65 1.81
CA VAL B 26 -16.69 -45.01 1.58
C VAL B 26 -16.77 -43.54 1.96
N VAL B 27 -15.69 -43.02 2.55
CA VAL B 27 -15.68 -41.71 3.19
C VAL B 27 -14.54 -40.88 2.64
N ILE B 28 -14.70 -39.55 2.72
CA ILE B 28 -13.66 -38.59 2.40
C ILE B 28 -13.75 -37.43 3.39
N GLY B 29 -12.72 -36.60 3.40
CA GLY B 29 -12.76 -35.33 4.10
C GLY B 29 -12.96 -34.17 3.13
N ILE B 30 -13.91 -33.30 3.46
CA ILE B 30 -14.32 -32.20 2.59
C ILE B 30 -14.19 -30.88 3.35
N THR B 31 -13.29 -30.02 2.90
CA THR B 31 -13.21 -28.66 3.40
C THR B 31 -14.03 -27.75 2.50
N PHE B 32 -14.86 -26.90 3.10
CA PHE B 32 -15.80 -26.07 2.37
C PHE B 32 -15.63 -24.63 2.85
N GLY B 33 -15.01 -23.80 2.02
CA GLY B 33 -14.72 -22.42 2.35
C GLY B 33 -15.39 -21.46 1.38
N ASN B 34 -15.41 -20.18 1.76
CA ASN B 34 -15.98 -19.17 0.88
C ASN B 34 -15.19 -19.04 -0.41
N SER B 35 -13.89 -19.25 -0.37
CA SER B 35 -13.06 -19.01 -1.53
C SER B 35 -12.69 -20.30 -2.26
N ASN B 36 -12.22 -21.30 -1.52
CA ASN B 36 -11.80 -22.57 -2.11
C ASN B 36 -12.33 -23.72 -1.28
N SER B 37 -12.44 -24.88 -1.92
CA SER B 37 -12.82 -26.12 -1.26
C SER B 37 -11.85 -27.21 -1.68
N SER B 38 -11.62 -28.17 -0.78
CA SER B 38 -10.68 -29.25 -1.03
C SER B 38 -11.31 -30.56 -0.59
N ILE B 39 -10.80 -31.65 -1.17
CA ILE B 39 -11.25 -33.00 -0.85
C ILE B 39 -10.05 -33.89 -0.59
N ALA B 40 -10.16 -34.76 0.40
CA ALA B 40 -9.07 -35.66 0.76
C ALA B 40 -9.64 -36.96 1.33
N HIS B 41 -9.06 -38.08 0.92
CA HIS B 41 -9.45 -39.39 1.43
C HIS B 41 -8.30 -39.98 2.24
N THR B 42 -8.56 -41.11 2.89
CA THR B 42 -7.54 -41.82 3.64
C THR B 42 -7.13 -43.08 2.90
N VAL B 43 -5.86 -43.18 2.54
CA VAL B 43 -5.23 -44.43 2.14
C VAL B 43 -4.33 -44.88 3.29
N ASP B 44 -4.36 -46.18 3.59
CA ASP B 44 -3.67 -46.74 4.75
C ASP B 44 -4.01 -45.85 5.95
N ASP B 45 -3.03 -45.38 6.72
CA ASP B 45 -3.27 -44.43 7.80
C ASP B 45 -2.77 -43.04 7.46
N LYS B 46 -2.59 -42.71 6.18
CA LYS B 46 -2.16 -41.39 5.78
C LYS B 46 -3.27 -40.68 5.01
N ALA B 47 -3.26 -39.35 5.07
CA ALA B 47 -4.23 -38.52 4.38
C ALA B 47 -3.64 -38.00 3.08
N GLU B 48 -4.41 -38.14 1.98
CA GLU B 48 -4.01 -37.66 0.66
C GLU B 48 -5.07 -36.72 0.13
N VAL B 49 -4.65 -35.54 -0.32
CA VAL B 49 -5.55 -34.62 -1.00
C VAL B 49 -5.87 -35.16 -2.39
N ILE B 50 -7.16 -35.22 -2.73
CA ILE B 50 -7.59 -35.59 -4.07
C ILE B 50 -7.68 -34.33 -4.92
N ALA B 51 -7.12 -34.40 -6.12
CA ALA B 51 -7.17 -33.31 -7.07
C ALA B 51 -8.42 -33.43 -7.95
N ASN B 52 -8.81 -32.30 -8.54
CA ASN B 52 -10.01 -32.24 -9.36
C ASN B 52 -9.69 -32.73 -10.78
N GLU B 53 -10.73 -32.83 -11.61
CA GLU B 53 -10.53 -33.23 -12.99
C GLU B 53 -9.86 -32.14 -13.82
N ASP B 54 -9.81 -30.91 -13.31
CA ASP B 54 -8.99 -29.85 -13.88
C ASP B 54 -7.57 -29.90 -13.33
N GLY B 55 -7.27 -30.84 -12.44
CA GLY B 55 -5.97 -30.93 -11.81
C GLY B 55 -5.79 -30.04 -10.60
N ASP B 56 -6.85 -29.39 -10.14
CA ASP B 56 -6.77 -28.44 -9.03
C ASP B 56 -7.01 -29.17 -7.72
N ARG B 57 -6.04 -29.07 -6.80
CA ARG B 57 -6.27 -29.51 -5.42
C ARG B 57 -7.11 -28.51 -4.65
N GLN B 58 -6.89 -27.22 -4.90
CA GLN B 58 -7.70 -26.15 -4.33
C GLN B 58 -8.74 -25.77 -5.37
N ILE B 59 -9.98 -26.18 -5.13
CA ILE B 59 -11.08 -26.05 -6.09
C ILE B 59 -11.89 -24.82 -5.71
N PRO B 60 -12.00 -23.83 -6.57
CA PRO B 60 -12.72 -22.60 -6.20
C PRO B 60 -14.18 -22.89 -5.87
N THR B 61 -14.63 -22.32 -4.74
CA THR B 61 -16.03 -22.46 -4.33
C THR B 61 -16.87 -21.46 -5.14
N ILE B 62 -17.02 -21.80 -6.42
CA ILE B 62 -17.67 -20.94 -7.40
C ILE B 62 -18.54 -21.81 -8.29
N LEU B 63 -19.69 -21.28 -8.69
CA LEU B 63 -20.63 -21.99 -9.55
C LEU B 63 -21.10 -21.05 -10.65
N SER B 64 -21.16 -21.56 -11.88
CA SER B 64 -21.45 -20.72 -13.04
C SER B 64 -22.27 -21.51 -14.04
N TYR B 65 -22.99 -20.76 -14.88
CA TYR B 65 -23.85 -21.33 -15.91
C TYR B 65 -23.69 -20.58 -17.22
N VAL B 66 -23.45 -21.34 -18.29
CA VAL B 66 -23.35 -20.80 -19.64
C VAL B 66 -24.10 -21.72 -20.59
N ASP B 67 -25.14 -21.19 -21.24
CA ASP B 67 -25.90 -21.93 -22.24
C ASP B 67 -26.41 -23.26 -21.69
N GLY B 68 -26.86 -23.25 -20.44
CA GLY B 68 -27.40 -24.43 -19.80
C GLY B 68 -26.37 -25.40 -19.24
N ASP B 69 -25.09 -25.20 -19.52
CA ASP B 69 -24.05 -26.05 -18.97
C ASP B 69 -23.59 -25.51 -17.62
N GLU B 70 -23.44 -26.41 -16.66
CA GLU B 70 -22.99 -26.04 -15.33
C GLU B 70 -21.47 -26.13 -15.27
N TYR B 71 -20.84 -25.10 -14.71
CA TYR B 71 -19.40 -25.11 -14.48
C TYR B 71 -19.12 -24.81 -13.03
N TYR B 72 -18.08 -25.43 -12.48
CA TYR B 72 -17.71 -25.22 -11.08
C TYR B 72 -16.19 -25.16 -11.00
N GLY B 73 -15.71 -24.76 -9.83
CA GLY B 73 -14.28 -24.71 -9.60
C GLY B 73 -13.62 -23.65 -10.45
N GLN B 74 -12.47 -24.01 -11.03
CA GLN B 74 -11.68 -23.04 -11.80
C GLN B 74 -12.45 -22.58 -13.03
N GLN B 75 -13.07 -23.51 -13.76
CA GLN B 75 -13.81 -23.17 -14.96
C GLN B 75 -14.86 -22.11 -14.67
N ALA B 76 -15.60 -22.29 -13.57
CA ALA B 76 -16.58 -21.29 -13.16
C ALA B 76 -15.88 -19.98 -12.79
N LYS B 77 -14.70 -20.07 -12.18
CA LYS B 77 -13.97 -18.87 -11.81
C LYS B 77 -13.56 -18.05 -13.02
N ASN B 78 -13.28 -18.71 -14.15
CA ASN B 78 -12.91 -18.00 -15.36
C ASN B 78 -14.07 -17.16 -15.88
N PHE B 79 -15.30 -17.67 -15.74
CA PHE B 79 -16.49 -17.02 -16.26
C PHE B 79 -16.91 -15.79 -15.45
N LEU B 80 -16.18 -15.45 -14.40
CA LEU B 80 -16.49 -14.26 -13.61
C LEU B 80 -16.30 -12.97 -14.41
N VAL B 81 -15.59 -13.03 -15.53
CA VAL B 81 -15.37 -11.85 -16.37
C VAL B 81 -16.52 -11.69 -17.34
N ARG B 82 -16.68 -12.66 -18.24
CA ARG B 82 -17.68 -12.56 -19.31
C ARG B 82 -19.07 -13.01 -18.87
N ASN B 83 -19.21 -13.58 -17.69
CA ASN B 83 -20.53 -14.06 -17.25
C ASN B 83 -20.72 -13.79 -15.76
N PRO B 84 -20.57 -12.53 -15.31
CA PRO B 84 -20.61 -12.30 -13.86
C PRO B 84 -21.97 -12.54 -13.25
N LYS B 85 -23.06 -12.18 -13.95
CA LYS B 85 -24.38 -12.19 -13.33
C LYS B 85 -24.96 -13.57 -13.16
N ASN B 86 -24.51 -14.56 -13.94
CA ASN B 86 -24.93 -15.94 -13.77
C ASN B 86 -23.86 -16.78 -13.07
N THR B 87 -23.03 -16.15 -12.23
CA THR B 87 -21.98 -16.85 -11.52
C THR B 87 -22.14 -16.55 -10.03
N VAL B 88 -22.07 -17.58 -9.20
CA VAL B 88 -22.26 -17.47 -7.76
C VAL B 88 -20.95 -17.79 -7.08
N ALA B 89 -20.47 -16.88 -6.23
CA ALA B 89 -19.27 -17.09 -5.45
C ALA B 89 -19.48 -16.55 -4.04
N TYR B 90 -18.60 -16.97 -3.13
CA TYR B 90 -18.59 -16.51 -1.74
C TYR B 90 -19.94 -16.77 -1.07
N PHE B 91 -20.43 -18.01 -1.21
CA PHE B 91 -21.73 -18.40 -0.68
C PHE B 91 -21.65 -19.33 0.51
N ARG B 92 -20.45 -19.76 0.93
CA ARG B 92 -20.34 -20.66 2.07
C ARG B 92 -20.86 -19.98 3.33
N ASP B 93 -20.50 -18.72 3.58
CA ASP B 93 -20.94 -17.99 4.75
C ASP B 93 -22.35 -17.43 4.60
N ILE B 94 -23.12 -17.93 3.63
CA ILE B 94 -24.49 -17.47 3.42
C ILE B 94 -25.50 -18.54 3.79
N LEU B 95 -25.09 -19.80 3.92
CA LEU B 95 -25.98 -20.83 4.43
C LEU B 95 -26.37 -20.50 5.87
N GLY B 96 -27.59 -20.90 6.24
CA GLY B 96 -28.10 -20.68 7.58
C GLY B 96 -28.04 -19.24 8.08
N GLN B 97 -27.90 -18.29 7.17
CA GLN B 97 -27.84 -16.88 7.52
C GLN B 97 -29.21 -16.25 7.32
N ASP B 98 -29.71 -15.58 8.35
CA ASP B 98 -30.80 -14.65 8.15
C ASP B 98 -30.28 -13.49 7.30
N PHE B 99 -31.16 -12.92 6.48
CA PHE B 99 -30.70 -12.04 5.40
C PHE B 99 -29.90 -10.85 5.92
N LYS B 100 -30.35 -10.22 7.00
CA LYS B 100 -29.70 -8.98 7.43
C LYS B 100 -28.25 -9.20 7.80
N SER B 101 -27.88 -10.42 8.21
CA SER B 101 -26.49 -10.72 8.56
C SER B 101 -25.59 -10.78 7.34
N VAL B 102 -26.15 -11.00 6.15
CA VAL B 102 -25.33 -11.23 4.96
C VAL B 102 -24.67 -9.93 4.51
N ASP B 103 -23.43 -10.05 4.05
CA ASP B 103 -22.68 -8.93 3.46
C ASP B 103 -22.42 -9.22 1.99
N PRO B 104 -23.13 -8.57 1.06
CA PRO B 104 -22.95 -8.88 -0.36
C PRO B 104 -21.76 -8.18 -1.00
N THR B 105 -20.79 -7.74 -0.18
CA THR B 105 -19.64 -7.02 -0.72
C THR B 105 -18.93 -7.81 -1.81
N HIS B 106 -18.63 -9.08 -1.54
CA HIS B 106 -17.88 -9.89 -2.49
C HIS B 106 -18.75 -10.43 -3.62
N ASN B 107 -20.06 -10.55 -3.39
CA ASN B 107 -20.99 -10.96 -4.43
C ASN B 107 -21.37 -9.81 -5.34
N HIS B 108 -20.87 -8.59 -5.06
CA HIS B 108 -21.18 -7.44 -5.89
C HIS B 108 -20.69 -7.63 -7.32
N ALA B 109 -19.51 -8.26 -7.47
CA ALA B 109 -18.96 -8.51 -8.80
C ALA B 109 -19.79 -9.50 -9.61
N SER B 110 -20.32 -10.53 -8.96
CA SER B 110 -21.07 -11.60 -9.58
C SER B 110 -22.56 -11.45 -9.22
N ALA B 111 -23.28 -12.56 -9.19
CA ALA B 111 -24.70 -12.51 -8.88
C ALA B 111 -24.91 -12.08 -7.44
N HIS B 112 -25.85 -11.15 -7.24
CA HIS B 112 -26.11 -10.59 -5.92
C HIS B 112 -27.07 -11.48 -5.15
N PRO B 113 -26.88 -11.68 -3.86
CA PRO B 113 -27.89 -12.38 -3.06
C PRO B 113 -29.11 -11.49 -2.87
N GLN B 114 -30.28 -12.12 -2.84
CA GLN B 114 -31.54 -11.39 -2.67
C GLN B 114 -32.47 -12.20 -1.78
N GLU B 115 -33.42 -11.50 -1.18
CA GLU B 115 -34.32 -12.08 -0.20
C GLU B 115 -35.52 -12.73 -0.88
N ALA B 116 -35.88 -13.92 -0.41
CA ALA B 116 -37.08 -14.63 -0.85
C ALA B 116 -37.84 -15.10 0.39
N GLY B 117 -38.44 -14.16 1.11
CA GLY B 117 -39.06 -14.47 2.38
C GLY B 117 -38.05 -14.82 3.45
N ASP B 118 -37.98 -16.11 3.82
CA ASP B 118 -37.03 -16.55 4.84
C ASP B 118 -35.65 -16.86 4.28
N ASN B 119 -35.55 -17.26 3.02
CA ASN B 119 -34.33 -17.79 2.44
C ASN B 119 -33.63 -16.77 1.55
N VAL B 120 -32.31 -16.96 1.41
CA VAL B 120 -31.47 -16.14 0.55
C VAL B 120 -31.33 -16.83 -0.79
N VAL B 121 -31.51 -16.08 -1.88
CA VAL B 121 -31.58 -16.66 -3.22
C VAL B 121 -30.76 -15.84 -4.21
N PHE B 122 -30.38 -16.50 -5.30
CA PHE B 122 -29.71 -15.89 -6.43
C PHE B 122 -30.57 -16.07 -7.66
N THR B 123 -30.58 -15.06 -8.54
CA THR B 123 -31.30 -15.13 -9.81
C THR B 123 -30.26 -15.32 -10.92
N ILE B 124 -30.26 -16.52 -11.51
CA ILE B 124 -29.25 -16.90 -12.48
C ILE B 124 -29.90 -17.71 -13.60
N LYS B 125 -29.37 -17.55 -14.81
CA LYS B 125 -29.87 -18.22 -16.01
C LYS B 125 -29.17 -19.57 -16.17
N ASP B 126 -29.81 -20.62 -15.65
CA ASP B 126 -29.29 -21.98 -15.77
C ASP B 126 -29.99 -22.78 -16.86
N LYS B 127 -30.97 -22.21 -17.54
CA LYS B 127 -31.69 -22.90 -18.60
C LYS B 127 -31.01 -22.72 -19.95
N ALA B 128 -31.20 -23.70 -20.84
CA ALA B 128 -30.52 -23.68 -22.13
C ALA B 128 -31.12 -22.62 -23.06
N GLU B 129 -32.43 -22.45 -23.06
CA GLU B 129 -33.09 -21.54 -23.98
C GLU B 129 -32.85 -20.09 -23.57
N GLU B 130 -32.52 -19.25 -24.56
CA GLU B 130 -32.15 -17.86 -24.26
C GLU B 130 -33.35 -17.03 -23.83
N ASP B 131 -34.55 -17.38 -24.28
CA ASP B 131 -35.76 -16.66 -23.93
C ASP B 131 -36.43 -17.21 -22.69
N ALA B 132 -35.90 -18.29 -22.10
CA ALA B 132 -36.48 -18.87 -20.90
C ALA B 132 -36.18 -18.00 -19.69
N GLU B 133 -37.07 -18.07 -18.70
CA GLU B 133 -36.95 -17.25 -17.50
C GLU B 133 -35.77 -17.73 -16.64
N PRO B 134 -35.08 -16.81 -15.97
CA PRO B 134 -34.00 -17.20 -15.06
C PRO B 134 -34.51 -17.89 -13.81
N SER B 135 -33.79 -18.93 -13.37
CA SER B 135 -34.17 -19.68 -12.18
C SER B 135 -33.76 -18.95 -10.91
N THR B 136 -34.70 -18.82 -9.98
CA THR B 136 -34.43 -18.29 -8.65
C THR B 136 -34.08 -19.46 -7.73
N LEU B 137 -32.80 -19.57 -7.37
CA LEU B 137 -32.30 -20.69 -6.58
C LEU B 137 -31.86 -20.21 -5.21
N THR B 138 -32.26 -20.95 -4.17
CA THR B 138 -31.81 -20.63 -2.82
C THR B 138 -30.33 -20.96 -2.69
N VAL B 139 -29.66 -20.25 -1.77
CA VAL B 139 -28.24 -20.50 -1.51
C VAL B 139 -28.01 -21.95 -1.10
N SER B 140 -29.01 -22.59 -0.50
CA SER B 140 -28.88 -23.99 -0.14
C SER B 140 -28.78 -24.88 -1.38
N GLU B 141 -29.64 -24.63 -2.37
CA GLU B 141 -29.58 -25.39 -3.62
C GLU B 141 -28.26 -25.17 -4.34
N ILE B 142 -27.75 -23.94 -4.32
CA ILE B 142 -26.45 -23.64 -4.90
C ILE B 142 -25.37 -24.50 -4.24
N ALA B 143 -25.30 -24.46 -2.91
CA ALA B 143 -24.35 -25.31 -2.19
C ALA B 143 -24.54 -26.77 -2.53
N THR B 144 -25.79 -27.19 -2.74
CA THR B 144 -26.05 -28.60 -3.07
C THR B 144 -25.46 -28.96 -4.42
N ARG B 145 -25.60 -28.07 -5.41
CA ARG B 145 -25.04 -28.34 -6.73
C ARG B 145 -23.53 -28.36 -6.69
N TYR B 146 -22.92 -27.45 -5.93
CA TYR B 146 -21.46 -27.46 -5.79
C TYR B 146 -21.00 -28.70 -5.04
N LEU B 147 -21.63 -29.00 -3.90
CA LEU B 147 -21.28 -30.20 -3.14
C LEU B 147 -21.43 -31.46 -3.98
N ARG B 148 -22.49 -31.55 -4.79
CA ARG B 148 -22.66 -32.70 -5.66
C ARG B 148 -21.51 -32.79 -6.66
N ARG B 149 -21.16 -31.66 -7.27
CA ARG B 149 -20.04 -31.64 -8.20
C ARG B 149 -18.73 -31.93 -7.48
N LEU B 150 -18.54 -31.35 -6.30
CA LEU B 150 -17.32 -31.59 -5.53
C LEU B 150 -17.17 -33.06 -5.18
N VAL B 151 -18.20 -33.65 -4.57
CA VAL B 151 -18.18 -35.07 -4.24
C VAL B 151 -17.96 -35.91 -5.49
N GLY B 152 -18.63 -35.53 -6.58
CA GLY B 152 -18.50 -36.29 -7.82
C GLY B 152 -17.06 -36.38 -8.32
N ALA B 153 -16.29 -35.31 -8.11
CA ALA B 153 -14.88 -35.34 -8.50
C ALA B 153 -14.10 -36.38 -7.70
N ALA B 154 -14.43 -36.51 -6.41
CA ALA B 154 -13.84 -37.59 -5.62
C ALA B 154 -14.33 -38.96 -6.10
N SER B 155 -15.61 -39.07 -6.45
CA SER B 155 -16.15 -40.33 -6.95
C SER B 155 -15.40 -40.81 -8.18
N GLU B 156 -15.17 -39.92 -9.15
CA GLU B 156 -14.47 -40.29 -10.37
C GLU B 156 -13.06 -40.78 -10.08
N TYR B 157 -12.35 -40.07 -9.20
CA TYR B 157 -10.98 -40.46 -8.85
C TYR B 157 -10.94 -41.82 -8.19
N LEU B 158 -11.80 -42.06 -7.20
CA LEU B 158 -11.82 -43.30 -6.46
C LEU B 158 -12.51 -44.44 -7.20
N GLY B 159 -13.14 -44.16 -8.33
CA GLY B 159 -13.90 -45.17 -9.04
C GLY B 159 -15.16 -45.63 -8.34
N LYS B 160 -15.45 -45.08 -7.16
CA LYS B 160 -16.57 -45.51 -6.33
C LYS B 160 -17.37 -44.28 -5.91
N LYS B 161 -18.69 -44.40 -5.91
CA LYS B 161 -19.53 -43.31 -5.41
C LYS B 161 -19.24 -43.09 -3.93
N VAL B 162 -18.98 -41.85 -3.55
CA VAL B 162 -18.64 -41.52 -2.18
C VAL B 162 -19.94 -41.18 -1.45
N THR B 163 -20.28 -42.00 -0.46
CA THR B 163 -21.56 -41.86 0.23
C THR B 163 -21.48 -40.85 1.38
N SER B 164 -20.36 -40.82 2.10
CA SER B 164 -20.27 -40.12 3.38
C SER B 164 -19.00 -39.27 3.41
N ALA B 165 -19.01 -38.27 4.29
CA ALA B 165 -17.85 -37.40 4.45
C ALA B 165 -17.92 -36.68 5.78
N VAL B 166 -16.78 -36.09 6.16
CA VAL B 166 -16.68 -35.17 7.28
C VAL B 166 -16.33 -33.80 6.73
N ILE B 167 -17.06 -32.78 7.16
CA ILE B 167 -16.94 -31.44 6.60
C ILE B 167 -16.47 -30.49 7.69
N THR B 168 -15.45 -29.70 7.37
CA THR B 168 -14.92 -28.73 8.30
C THR B 168 -15.74 -27.44 8.28
N ILE B 169 -15.82 -26.79 9.44
CA ILE B 169 -16.62 -25.58 9.62
C ILE B 169 -15.86 -24.62 10.50
N PRO B 170 -16.16 -23.32 10.42
CA PRO B 170 -15.55 -22.36 11.34
C PRO B 170 -16.18 -22.47 12.72
N THR B 171 -15.49 -21.86 13.69
CA THR B 171 -15.94 -21.97 15.08
C THR B 171 -17.21 -21.17 15.31
N ASN B 172 -17.40 -20.09 14.56
CA ASN B 172 -18.47 -19.14 14.75
C ASN B 172 -19.70 -19.50 13.94
N PHE B 173 -19.71 -20.70 13.36
CA PHE B 173 -20.85 -21.15 12.57
C PHE B 173 -22.03 -21.36 13.50
N THR B 174 -23.20 -20.86 13.12
CA THR B 174 -24.33 -21.01 14.02
C THR B 174 -24.93 -22.39 13.86
N GLU B 175 -25.72 -22.81 14.85
CA GLU B 175 -26.41 -24.08 14.70
C GLU B 175 -27.44 -24.00 13.58
N LYS B 176 -27.95 -22.80 13.30
CA LYS B 176 -28.74 -22.58 12.10
C LYS B 176 -27.93 -22.88 10.84
N GLN B 177 -26.67 -22.43 10.82
CA GLN B 177 -25.80 -22.69 9.67
C GLN B 177 -25.42 -24.17 9.57
N LYS B 178 -25.07 -24.78 10.70
CA LYS B 178 -24.62 -26.18 10.69
C LYS B 178 -25.71 -27.10 10.14
N ALA B 179 -26.92 -27.00 10.70
CA ALA B 179 -28.02 -27.84 10.22
C ALA B 179 -28.29 -27.61 8.74
N ALA B 180 -28.20 -26.35 8.30
CA ALA B 180 -28.39 -26.04 6.89
C ALA B 180 -27.37 -26.77 6.01
N LEU B 181 -26.11 -26.78 6.44
CA LEU B 181 -25.07 -27.48 5.69
C LEU B 181 -25.37 -28.97 5.58
N ILE B 182 -25.77 -29.59 6.69
CA ILE B 182 -26.12 -31.01 6.67
C ILE B 182 -27.24 -31.27 5.68
N ALA B 183 -28.22 -30.38 5.62
CA ALA B 183 -29.31 -30.51 4.66
C ALA B 183 -28.80 -30.47 3.23
N ALA B 184 -27.94 -29.49 2.91
CA ALA B 184 -27.42 -29.35 1.56
C ALA B 184 -26.66 -30.60 1.11
N ALA B 185 -25.91 -31.22 2.01
CA ALA B 185 -25.19 -32.43 1.64
C ALA B 185 -26.13 -33.62 1.45
N ALA B 186 -27.17 -33.73 2.28
CA ALA B 186 -28.13 -34.81 2.10
C ALA B 186 -28.86 -34.68 0.77
N ALA B 187 -29.26 -33.47 0.39
CA ALA B 187 -29.88 -33.27 -0.92
C ALA B 187 -28.89 -33.53 -2.04
N ALA B 188 -27.59 -33.54 -1.76
CA ALA B 188 -26.56 -33.92 -2.71
C ALA B 188 -26.16 -35.38 -2.59
N ASP B 189 -27.02 -36.20 -1.98
CA ASP B 189 -26.76 -37.63 -1.77
C ASP B 189 -25.47 -37.86 -0.98
N LEU B 190 -25.11 -36.92 -0.10
CA LEU B 190 -23.95 -37.04 0.76
C LEU B 190 -24.38 -37.16 2.21
N GLU B 191 -23.83 -38.16 2.91
CA GLU B 191 -24.13 -38.38 4.32
C GLU B 191 -23.11 -37.61 5.16
N VAL B 192 -23.58 -36.67 5.95
CA VAL B 192 -22.68 -35.92 6.83
C VAL B 192 -22.44 -36.76 8.07
N LEU B 193 -21.20 -37.21 8.25
CA LEU B 193 -20.85 -37.99 9.43
C LEU B 193 -20.70 -37.10 10.65
N GLN B 194 -19.65 -36.28 10.68
CA GLN B 194 -19.45 -35.32 11.75
C GLN B 194 -19.07 -33.97 11.17
N LEU B 195 -19.35 -32.92 11.94
CA LEU B 195 -18.91 -31.56 11.63
C LEU B 195 -17.81 -31.20 12.61
N ILE B 196 -16.59 -30.99 12.10
CA ILE B 196 -15.46 -30.62 12.93
C ILE B 196 -15.06 -29.19 12.59
N SER B 197 -14.27 -28.59 13.47
CA SER B 197 -13.90 -27.19 13.34
C SER B 197 -12.64 -27.07 12.50
N GLU B 198 -12.59 -26.01 11.69
CA GLU B 198 -11.41 -25.77 10.86
C GLU B 198 -10.10 -25.71 11.63
N PRO B 199 -10.02 -25.16 12.85
CA PRO B 199 -8.74 -25.23 13.59
C PRO B 199 -8.39 -26.65 14.03
N ALA B 200 -9.35 -27.38 14.60
CA ALA B 200 -9.07 -28.74 15.06
C ALA B 200 -8.66 -29.63 13.89
N ALA B 201 -9.27 -29.44 12.72
CA ALA B 201 -8.87 -30.19 11.54
C ALA B 201 -7.39 -30.01 11.24
N ALA B 202 -6.89 -28.77 11.35
CA ALA B 202 -5.48 -28.52 11.11
C ALA B 202 -4.60 -29.30 12.08
N VAL B 203 -4.99 -29.35 13.36
CA VAL B 203 -4.20 -30.05 14.37
C VAL B 203 -4.14 -31.54 14.06
N LEU B 204 -5.30 -32.17 13.87
CA LEU B 204 -5.33 -33.59 13.53
C LEU B 204 -4.48 -33.90 12.31
N ALA B 205 -4.48 -33.02 11.32
CA ALA B 205 -3.72 -33.26 10.10
C ALA B 205 -2.22 -33.38 10.38
N TYR B 206 -1.75 -32.87 11.52
CA TYR B 206 -0.35 -32.97 11.90
C TYR B 206 -0.12 -34.10 12.90
N ASP B 207 -0.94 -34.17 13.95
CA ASP B 207 -0.74 -35.15 15.02
C ASP B 207 -1.01 -36.58 14.55
N ALA B 208 -1.89 -36.75 13.57
CA ALA B 208 -2.16 -38.10 13.06
C ALA B 208 -1.02 -38.64 12.22
N ARG B 209 -0.14 -37.77 11.72
CA ARG B 209 0.99 -38.21 10.93
C ARG B 209 1.89 -39.13 11.75
N PRO B 210 2.58 -40.07 11.09
CA PRO B 210 3.46 -40.99 11.86
C PRO B 210 4.68 -40.31 12.44
N GLU B 211 5.31 -39.38 11.70
CA GLU B 211 6.53 -38.76 12.21
C GLU B 211 6.24 -37.86 13.40
N ALA B 212 5.08 -37.20 13.42
CA ALA B 212 4.72 -36.37 14.57
C ALA B 212 4.58 -37.22 15.82
N THR B 213 4.81 -36.59 16.97
CA THR B 213 4.75 -37.26 18.26
C THR B 213 3.78 -36.51 19.16
N ILE B 214 2.67 -37.16 19.53
CA ILE B 214 1.66 -36.52 20.35
C ILE B 214 2.23 -36.19 21.73
N SER B 215 1.78 -35.05 22.27
CA SER B 215 2.23 -34.54 23.56
C SER B 215 1.27 -33.43 23.95
N ASP B 216 1.50 -32.82 25.12
CA ASP B 216 0.69 -31.72 25.60
C ASP B 216 1.44 -30.41 25.34
N LYS B 217 0.89 -29.59 24.44
CA LYS B 217 1.50 -28.32 24.07
C LYS B 217 0.41 -27.32 23.72
N ILE B 218 0.72 -26.04 23.91
CA ILE B 218 -0.23 -24.95 23.64
C ILE B 218 -0.05 -24.53 22.19
N ILE B 219 -1.11 -24.69 21.41
CA ILE B 219 -1.05 -24.53 19.96
C ILE B 219 -1.86 -23.32 19.53
N VAL B 220 -1.39 -22.65 18.49
CA VAL B 220 -2.07 -21.53 17.87
C VAL B 220 -2.24 -21.83 16.39
N VAL B 221 -3.47 -21.75 15.90
CA VAL B 221 -3.78 -22.02 14.50
C VAL B 221 -4.14 -20.70 13.84
N ALA B 222 -3.38 -20.31 12.84
CA ALA B 222 -3.63 -19.07 12.10
C ALA B 222 -4.11 -19.45 10.71
N ASP B 223 -5.43 -19.49 10.54
CA ASP B 223 -6.04 -19.85 9.26
C ASP B 223 -6.27 -18.57 8.47
N LEU B 224 -5.29 -18.22 7.64
CA LEU B 224 -5.42 -17.06 6.77
C LEU B 224 -6.14 -17.46 5.49
N GLY B 225 -7.05 -16.61 5.03
CA GLY B 225 -7.88 -16.97 3.90
C GLY B 225 -8.06 -15.89 2.86
N GLY B 226 -9.05 -16.07 1.99
CA GLY B 226 -9.38 -15.08 0.99
C GLY B 226 -10.27 -13.97 1.50
N SER B 227 -11.46 -14.33 2.01
CA SER B 227 -12.41 -13.34 2.47
C SER B 227 -12.43 -13.21 3.99
N ARG B 228 -11.66 -14.03 4.71
CA ARG B 228 -11.69 -13.99 6.16
C ARG B 228 -10.43 -14.66 6.68
N SER B 229 -10.10 -14.34 7.93
CA SER B 229 -9.01 -15.01 8.64
C SER B 229 -9.46 -15.25 10.07
N ASP B 230 -9.30 -16.49 10.54
CA ASP B 230 -9.66 -16.84 11.90
C ASP B 230 -8.40 -17.34 12.59
N VAL B 231 -8.08 -16.78 13.75
CA VAL B 231 -6.96 -17.22 14.56
C VAL B 231 -7.53 -17.87 15.82
N THR B 232 -7.02 -19.06 16.14
CA THR B 232 -7.52 -19.84 17.26
C THR B 232 -6.35 -20.37 18.07
N VAL B 233 -6.43 -20.21 19.39
CA VAL B 233 -5.41 -20.71 20.31
C VAL B 233 -5.98 -21.93 21.02
N LEU B 234 -5.25 -23.04 20.94
CA LEU B 234 -5.72 -24.30 21.49
C LEU B 234 -4.82 -24.76 22.62
N ALA B 235 -5.35 -25.69 23.40
CA ALA B 235 -4.58 -26.42 24.40
C ALA B 235 -4.66 -27.89 24.01
N SER B 236 -3.57 -28.41 23.44
CA SER B 236 -3.47 -29.83 23.13
C SER B 236 -2.96 -30.53 24.38
N ARG B 237 -3.80 -31.32 25.01
CA ARG B 237 -3.42 -32.07 26.20
C ARG B 237 -3.81 -33.53 26.01
N SER B 238 -2.87 -34.43 26.29
CA SER B 238 -3.07 -35.87 26.19
C SER B 238 -3.57 -36.27 24.80
N GLY B 239 -3.09 -35.56 23.78
CA GLY B 239 -3.55 -35.84 22.43
C GLY B 239 -4.98 -35.48 22.16
N MET B 240 -5.64 -34.78 23.08
CA MET B 240 -6.98 -34.27 22.88
C MET B 240 -6.89 -32.76 22.87
N TYR B 241 -7.64 -32.14 21.99
CA TYR B 241 -7.48 -30.72 21.70
C TYR B 241 -8.65 -29.97 22.33
N THR B 242 -8.34 -28.98 23.16
CA THR B 242 -9.34 -28.17 23.81
C THR B 242 -9.09 -26.71 23.46
N ILE B 243 -10.14 -26.03 23.03
CA ILE B 243 -10.03 -24.75 22.35
C ILE B 243 -10.19 -23.63 23.39
N LEU B 244 -9.19 -22.76 23.47
CA LEU B 244 -9.14 -21.75 24.52
C LEU B 244 -9.67 -20.39 24.08
N ALA B 245 -9.41 -19.99 22.84
CA ALA B 245 -9.89 -18.70 22.36
C ALA B 245 -9.98 -18.74 20.84
N THR B 246 -10.86 -17.89 20.29
CA THR B 246 -11.08 -17.79 18.86
C THR B 246 -11.12 -16.32 18.49
N VAL B 247 -10.54 -15.98 17.33
CA VAL B 247 -10.49 -14.62 16.84
C VAL B 247 -10.80 -14.65 15.34
N HIS B 248 -11.68 -13.75 14.89
CA HIS B 248 -12.05 -13.65 13.49
C HIS B 248 -11.80 -12.23 12.99
N ASP B 249 -11.47 -12.13 11.70
CA ASP B 249 -11.23 -10.84 11.08
C ASP B 249 -11.61 -10.93 9.62
N TYR B 250 -12.46 -10.02 9.16
CA TYR B 250 -12.98 -10.04 7.80
C TYR B 250 -12.43 -8.91 6.94
N GLU B 251 -11.33 -8.29 7.38
CA GLU B 251 -10.68 -7.20 6.67
C GLU B 251 -9.26 -7.52 6.23
N TYR B 252 -8.57 -8.39 6.96
CA TYR B 252 -7.18 -8.75 6.66
C TYR B 252 -7.18 -10.21 6.20
N HIS B 253 -6.91 -10.41 4.92
CA HIS B 253 -7.08 -11.71 4.27
C HIS B 253 -6.44 -11.61 2.89
N GLY B 254 -6.63 -12.65 2.08
CA GLY B 254 -6.00 -12.68 0.77
C GLY B 254 -6.54 -11.65 -0.22
N ILE B 255 -7.83 -11.32 -0.10
CA ILE B 255 -8.42 -10.34 -1.01
C ILE B 255 -7.77 -8.97 -0.82
N ALA B 256 -7.47 -8.61 0.43
CA ALA B 256 -6.75 -7.37 0.69
C ALA B 256 -5.40 -7.34 -0.02
N LEU B 257 -4.66 -8.45 0.06
CA LEU B 257 -3.39 -8.55 -0.65
C LEU B 257 -3.59 -8.40 -2.16
N ASP B 258 -4.58 -9.09 -2.72
CA ASP B 258 -4.93 -8.87 -4.12
C ASP B 258 -5.23 -7.41 -4.40
N LYS B 259 -5.90 -6.73 -3.46
CA LYS B 259 -6.21 -5.31 -3.66
C LYS B 259 -4.95 -4.47 -3.70
N VAL B 260 -3.98 -4.76 -2.84
CA VAL B 260 -2.70 -4.05 -2.84
C VAL B 260 -2.06 -4.13 -4.22
N LEU B 261 -2.12 -5.30 -4.85
CA LEU B 261 -1.57 -5.47 -6.18
C LEU B 261 -2.43 -4.79 -7.24
N ILE B 262 -3.75 -4.92 -7.15
CA ILE B 262 -4.63 -4.34 -8.17
C ILE B 262 -4.40 -2.84 -8.31
N ASP B 263 -4.38 -2.13 -7.18
CA ASP B 263 -4.10 -0.69 -7.22
C ASP B 263 -2.70 -0.44 -7.77
N HIS B 264 -1.71 -1.14 -7.23
CA HIS B 264 -0.32 -0.97 -7.69
C HIS B 264 -0.19 -1.12 -9.20
N PHE B 265 -0.80 -2.19 -9.75
CA PHE B 265 -0.70 -2.40 -11.19
C PHE B 265 -1.62 -1.49 -11.98
N SER B 266 -2.77 -1.10 -11.41
CA SER B 266 -3.64 -0.15 -12.09
C SER B 266 -2.97 1.21 -12.17
N LYS B 267 -2.36 1.65 -11.06
CA LYS B 267 -1.60 2.90 -11.07
C LYS B 267 -0.46 2.85 -12.08
N GLU B 268 0.20 1.69 -12.21
CA GLU B 268 1.23 1.56 -13.23
C GLU B 268 0.63 1.58 -14.63
N PHE B 269 -0.57 1.04 -14.80
CA PHE B 269 -1.21 1.06 -16.11
C PHE B 269 -1.52 2.49 -16.53
N LEU B 270 -2.08 3.29 -15.62
CA LEU B 270 -2.41 4.68 -15.94
C LEU B 270 -1.17 5.49 -16.26
N LYS B 271 -0.11 5.31 -15.48
CA LYS B 271 1.14 6.04 -15.71
C LYS B 271 1.70 5.78 -17.11
N LYS B 272 1.65 4.52 -17.56
CA LYS B 272 2.15 4.20 -18.89
C LYS B 272 1.13 4.50 -19.98
N ASN B 273 -0.16 4.28 -19.71
CA ASN B 273 -1.24 4.51 -20.67
C ASN B 273 -2.16 5.58 -20.09
N PRO B 274 -1.78 6.85 -20.21
CA PRO B 274 -2.55 7.91 -19.54
C PRO B 274 -3.93 8.13 -20.11
N GLY B 275 -4.09 8.07 -21.44
CA GLY B 275 -5.38 8.33 -22.05
C GLY B 275 -6.46 7.34 -21.67
N ALA B 276 -6.09 6.15 -21.20
CA ALA B 276 -7.07 5.12 -20.89
C ALA B 276 -7.84 5.45 -19.61
N LYS B 277 -9.06 4.90 -19.54
CA LYS B 277 -9.87 4.95 -18.34
C LYS B 277 -9.23 4.11 -17.22
N ASP B 278 -9.54 4.48 -15.98
CA ASP B 278 -9.08 3.70 -14.84
C ASP B 278 -9.72 2.30 -14.90
N PRO B 279 -8.93 1.24 -15.06
CA PRO B 279 -9.51 -0.11 -15.19
C PRO B 279 -10.26 -0.58 -13.96
N ARG B 280 -10.02 0.04 -12.79
CA ARG B 280 -10.78 -0.32 -11.59
C ARG B 280 -12.22 0.17 -11.67
N GLU B 281 -12.51 1.17 -12.48
CA GLU B 281 -13.84 1.75 -12.61
C GLU B 281 -14.71 1.01 -13.62
N ASN B 282 -14.20 -0.04 -14.26
CA ASN B 282 -14.95 -0.82 -15.22
C ASN B 282 -15.12 -2.24 -14.68
N PRO B 283 -16.36 -2.73 -14.55
CA PRO B 283 -16.56 -4.08 -13.97
C PRO B 283 -15.79 -5.18 -14.68
N ARG B 284 -15.84 -5.21 -16.01
CA ARG B 284 -15.16 -6.28 -16.76
C ARG B 284 -13.65 -6.20 -16.55
N SER B 285 -13.09 -4.99 -16.62
CA SER B 285 -11.66 -4.82 -16.42
C SER B 285 -11.26 -5.18 -14.99
N LEU B 286 -12.10 -4.83 -14.01
CA LEU B 286 -11.80 -5.14 -12.62
C LEU B 286 -11.73 -6.64 -12.39
N ALA B 287 -12.63 -7.41 -13.03
CA ALA B 287 -12.59 -8.86 -12.93
C ALA B 287 -11.27 -9.41 -13.47
N LYS B 288 -10.79 -8.84 -14.57
CA LYS B 288 -9.51 -9.28 -15.14
C LYS B 288 -8.36 -8.99 -14.17
N LEU B 289 -8.38 -7.83 -13.52
CA LEU B 289 -7.30 -7.47 -12.60
C LEU B 289 -7.22 -8.42 -11.41
N ARG B 290 -8.36 -8.74 -10.80
CA ARG B 290 -8.35 -9.53 -9.57
C ARG B 290 -7.82 -10.94 -9.82
N LEU B 291 -8.31 -11.60 -10.87
CA LEU B 291 -7.81 -12.94 -11.19
C LEU B 291 -6.30 -12.94 -11.36
N GLU B 292 -5.78 -11.98 -12.13
CA GLU B 292 -4.35 -11.96 -12.43
C GLU B 292 -3.53 -11.58 -11.19
N ALA B 293 -4.05 -10.66 -10.38
CA ALA B 293 -3.37 -10.31 -9.13
C ALA B 293 -3.21 -11.53 -8.22
N GLU B 294 -4.28 -12.32 -8.08
CA GLU B 294 -4.20 -13.55 -7.30
C GLU B 294 -3.17 -14.51 -7.88
N SER B 295 -3.19 -14.70 -9.19
CA SER B 295 -2.22 -15.59 -9.83
C SER B 295 -0.80 -15.07 -9.63
N THR B 296 -0.62 -13.75 -9.68
CA THR B 296 0.68 -13.16 -9.38
C THR B 296 1.06 -13.35 -7.92
N LYS B 297 0.11 -13.10 -7.01
CA LYS B 297 0.36 -13.29 -5.58
C LYS B 297 0.85 -14.70 -5.27
N ARG B 298 0.20 -15.72 -5.86
CA ARG B 298 0.65 -17.09 -5.64
C ARG B 298 2.03 -17.34 -6.23
N ALA B 299 2.31 -16.73 -7.38
CA ALA B 299 3.65 -16.86 -7.97
C ALA B 299 4.72 -16.29 -7.02
N LEU B 300 4.42 -15.19 -6.35
CA LEU B 300 5.34 -14.58 -5.41
C LEU B 300 5.57 -15.43 -4.17
N SER B 301 4.72 -16.42 -3.91
CA SER B 301 4.98 -17.34 -2.81
C SER B 301 6.00 -18.41 -3.21
N ARG B 302 5.92 -18.86 -4.46
CA ARG B 302 6.80 -19.92 -4.95
C ARG B 302 8.04 -19.38 -5.64
N SER B 303 8.00 -18.14 -6.13
CA SER B 303 9.12 -17.54 -6.85
C SER B 303 9.48 -16.20 -6.24
N THR B 304 10.70 -15.75 -6.54
CA THR B 304 11.20 -14.46 -6.11
C THR B 304 10.90 -13.35 -7.09
N ASN B 305 10.24 -13.67 -8.20
CA ASN B 305 9.93 -12.70 -9.25
C ASN B 305 8.68 -13.21 -9.96
N ALA B 306 7.78 -12.29 -10.31
CA ALA B 306 6.49 -12.70 -10.86
C ALA B 306 6.01 -11.70 -11.89
N SER B 307 5.35 -12.21 -12.93
CA SER B 307 4.77 -11.41 -13.99
C SER B 307 3.28 -11.20 -13.77
N PHE B 308 2.78 -10.08 -14.30
CA PHE B 308 1.37 -9.70 -14.23
C PHE B 308 0.98 -9.14 -15.59
N SER B 309 -0.02 -9.72 -16.24
CA SER B 309 -0.40 -9.28 -17.58
C SER B 309 -1.88 -9.51 -17.82
N VAL B 310 -2.47 -8.64 -18.63
CA VAL B 310 -3.89 -8.73 -19.00
C VAL B 310 -4.02 -8.41 -20.48
N GLU B 311 -4.77 -9.23 -21.21
CA GLU B 311 -5.06 -8.99 -22.61
C GLU B 311 -6.30 -8.13 -22.74
N SER B 312 -6.17 -6.99 -23.44
CA SER B 312 -7.23 -6.01 -23.59
C SER B 312 -7.91 -5.70 -22.24
N LEU B 313 -7.07 -5.27 -21.29
CA LEU B 313 -7.56 -4.87 -19.97
C LEU B 313 -8.73 -3.91 -20.07
N ILE B 314 -8.52 -2.77 -20.72
CA ILE B 314 -9.56 -1.78 -20.91
C ILE B 314 -9.28 -1.02 -22.20
N ASP B 315 -10.36 -0.64 -22.89
CA ASP B 315 -10.27 0.02 -24.19
C ASP B 315 -9.41 -0.76 -25.17
N GLY B 316 -9.36 -2.08 -25.00
CA GLY B 316 -8.59 -2.94 -25.88
C GLY B 316 -7.10 -2.73 -25.87
N LEU B 317 -6.53 -2.40 -24.71
CA LEU B 317 -5.10 -2.14 -24.58
C LEU B 317 -4.50 -3.15 -23.61
N ASP B 318 -3.49 -3.89 -24.07
CA ASP B 318 -2.78 -4.85 -23.22
C ASP B 318 -1.90 -4.14 -22.19
N PHE B 319 -1.78 -4.75 -21.02
CA PHE B 319 -0.88 -4.31 -19.97
C PHE B 319 0.06 -5.45 -19.58
N ALA B 320 1.34 -5.13 -19.38
CA ALA B 320 2.33 -6.11 -18.99
C ALA B 320 3.34 -5.48 -18.05
N SER B 321 3.64 -6.16 -16.93
CA SER B 321 4.63 -5.69 -15.98
C SER B 321 5.05 -6.86 -15.10
N THR B 322 5.93 -6.57 -14.14
CA THR B 322 6.42 -7.56 -13.18
C THR B 322 6.56 -6.91 -11.81
N ILE B 323 6.88 -7.73 -10.82
CA ILE B 323 7.20 -7.25 -9.47
C ILE B 323 7.93 -8.37 -8.74
N ASN B 324 8.93 -7.98 -7.96
CA ASN B 324 9.70 -8.92 -7.16
C ASN B 324 9.12 -9.02 -5.76
N ARG B 325 9.53 -10.08 -5.05
CA ARG B 325 8.93 -10.39 -3.75
C ARG B 325 9.10 -9.25 -2.75
N LEU B 326 10.28 -8.61 -2.73
CA LEU B 326 10.51 -7.55 -1.75
C LEU B 326 9.54 -6.39 -1.94
N ARG B 327 9.26 -6.03 -3.18
CA ARG B 327 8.33 -4.93 -3.44
C ARG B 327 6.91 -5.29 -3.01
N TYR B 328 6.46 -6.49 -3.34
CA TYR B 328 5.12 -6.93 -2.92
C TYR B 328 5.00 -6.86 -1.40
N GLU B 329 5.97 -7.42 -0.70
CA GLU B 329 6.05 -7.29 0.75
C GLU B 329 6.11 -5.83 1.19
N THR B 330 6.68 -4.95 0.36
CA THR B 330 6.76 -3.54 0.70
C THR B 330 5.40 -2.88 0.62
N ILE B 331 4.68 -3.06 -0.48
CA ILE B 331 3.36 -2.44 -0.62
C ILE B 331 2.29 -3.16 0.22
N ALA B 332 2.52 -4.42 0.58
CA ALA B 332 1.55 -5.20 1.35
C ALA B 332 1.89 -5.25 2.83
N ARG B 333 2.79 -4.38 3.31
CA ARG B 333 3.16 -4.41 4.72
C ARG B 333 1.95 -4.14 5.61
N THR B 334 1.06 -3.24 5.19
CA THR B 334 -0.11 -2.90 5.99
C THR B 334 -0.91 -4.15 6.34
N VAL B 335 -1.21 -4.99 5.35
CA VAL B 335 -1.98 -6.20 5.59
C VAL B 335 -1.20 -7.16 6.48
N PHE B 336 0.07 -7.41 6.14
CA PHE B 336 0.92 -8.30 6.94
C PHE B 336 0.88 -7.94 8.42
N GLU B 337 1.01 -6.65 8.74
CA GLU B 337 1.00 -6.23 10.13
C GLU B 337 -0.37 -6.46 10.78
N GLY B 338 -1.44 -6.44 9.99
CA GLY B 338 -2.74 -6.83 10.52
C GLY B 338 -2.75 -8.24 11.05
N PHE B 339 -2.15 -9.17 10.30
CA PHE B 339 -2.03 -10.55 10.75
C PHE B 339 -1.28 -10.64 12.07
N ASN B 340 -0.17 -9.90 12.20
CA ASN B 340 0.56 -9.87 13.46
C ASN B 340 -0.34 -9.39 14.60
N ARG B 341 -1.16 -8.38 14.34
CA ARG B 341 -2.06 -7.87 15.37
C ARG B 341 -3.17 -8.88 15.69
N LEU B 342 -3.56 -9.69 14.71
CA LEU B 342 -4.56 -10.72 14.97
C LEU B 342 -4.03 -11.78 15.93
N VAL B 343 -2.83 -12.31 15.65
CA VAL B 343 -2.26 -13.37 16.47
C VAL B 343 -2.02 -12.85 17.89
N GLU B 344 -1.46 -11.64 17.99
CA GLU B 344 -1.22 -11.06 19.32
C GLU B 344 -2.52 -10.92 20.09
N SER B 345 -3.61 -10.54 19.40
CA SER B 345 -4.91 -10.45 20.05
C SER B 345 -5.37 -11.81 20.56
N ALA B 346 -5.16 -12.87 19.76
CA ALA B 346 -5.62 -14.20 20.15
C ALA B 346 -4.86 -14.71 21.37
N VAL B 347 -3.53 -14.60 21.35
CA VAL B 347 -2.73 -15.03 22.50
C VAL B 347 -3.13 -14.22 23.74
N LYS B 348 -3.36 -12.91 23.57
CA LYS B 348 -3.85 -12.09 24.67
C LYS B 348 -5.26 -12.47 25.08
N LYS B 349 -6.13 -12.79 24.12
CA LYS B 349 -7.52 -13.06 24.44
C LYS B 349 -7.68 -14.31 25.30
N ALA B 350 -6.74 -15.25 25.19
CA ALA B 350 -6.76 -16.45 26.03
C ALA B 350 -6.20 -16.19 27.42
N GLY B 351 -5.73 -14.98 27.70
CA GLY B 351 -5.02 -14.73 28.93
C GLY B 351 -3.61 -15.27 28.95
N LEU B 352 -2.96 -15.29 27.80
CA LEU B 352 -1.62 -15.86 27.66
C LEU B 352 -0.66 -14.81 27.11
N ASP B 353 0.61 -15.18 27.09
CA ASP B 353 1.72 -14.40 26.55
C ASP B 353 2.35 -15.18 25.41
N PRO B 354 2.94 -14.49 24.41
CA PRO B 354 3.61 -15.22 23.32
C PRO B 354 4.62 -16.23 23.82
N LEU B 355 5.11 -16.03 25.05
CA LEU B 355 5.99 -16.99 25.68
C LEU B 355 5.27 -18.31 26.00
N ASP B 356 3.97 -18.25 26.30
CA ASP B 356 3.21 -19.45 26.67
C ASP B 356 2.92 -20.35 25.49
N VAL B 357 3.16 -19.92 24.26
CA VAL B 357 2.78 -20.67 23.07
C VAL B 357 3.92 -21.60 22.66
N ASP B 358 3.58 -22.85 22.37
CA ASP B 358 4.53 -23.87 21.94
C ASP B 358 4.61 -24.00 20.42
N GLU B 359 3.48 -24.20 19.76
CA GLU B 359 3.43 -24.29 18.31
C GLU B 359 2.49 -23.24 17.75
N VAL B 360 2.74 -22.82 16.52
CA VAL B 360 1.78 -22.05 15.74
C VAL B 360 1.59 -22.76 14.39
N ILE B 361 0.41 -23.34 14.20
CA ILE B 361 0.09 -24.05 12.97
C ILE B 361 -0.52 -23.06 11.99
N MET B 362 0.24 -22.69 10.97
CA MET B 362 -0.26 -21.81 9.93
C MET B 362 -0.98 -22.63 8.87
N SER B 363 -2.22 -22.27 8.58
CA SER B 363 -3.03 -23.00 7.61
C SER B 363 -3.80 -21.99 6.77
N GLY B 364 -4.45 -22.50 5.73
CA GLY B 364 -5.15 -21.64 4.79
C GLY B 364 -4.25 -21.17 3.67
N GLY B 365 -4.90 -20.67 2.61
CA GLY B 365 -4.19 -20.43 1.37
C GLY B 365 -3.20 -19.28 1.44
N THR B 366 -3.48 -18.28 2.27
CA THR B 366 -2.57 -17.14 2.37
C THR B 366 -1.37 -17.46 3.25
N SER B 367 -1.45 -18.52 4.06
CA SER B 367 -0.32 -18.93 4.89
C SER B 367 0.84 -19.46 4.06
N ASN B 368 0.66 -19.67 2.76
CA ASN B 368 1.78 -19.98 1.89
C ASN B 368 2.71 -18.79 1.71
N THR B 369 2.29 -17.59 2.07
CA THR B 369 3.14 -16.42 1.98
C THR B 369 4.32 -16.56 2.92
N PRO B 370 5.56 -16.50 2.42
CA PRO B 370 6.73 -16.67 3.31
C PRO B 370 6.88 -15.54 4.32
N ARG B 371 6.58 -14.30 3.94
CA ARG B 371 6.79 -13.17 4.83
C ARG B 371 5.97 -13.29 6.10
N ILE B 372 4.73 -13.78 5.98
CA ILE B 372 3.87 -13.91 7.16
C ILE B 372 4.51 -14.83 8.19
N ALA B 373 5.09 -15.95 7.72
CA ALA B 373 5.78 -16.85 8.63
C ALA B 373 6.97 -16.17 9.31
N ALA B 374 7.74 -15.40 8.53
CA ALA B 374 8.88 -14.67 9.11
C ALA B 374 8.42 -13.72 10.20
N ASN B 375 7.31 -13.02 9.98
CA ASN B 375 6.76 -12.13 11.00
C ASN B 375 6.40 -12.90 12.26
N PHE B 376 5.81 -14.08 12.09
CA PHE B 376 5.32 -14.82 13.25
C PHE B 376 6.47 -15.36 14.10
N ARG B 377 7.57 -15.80 13.48
CA ARG B 377 8.72 -16.25 14.27
C ARG B 377 9.28 -15.11 15.13
N TYR B 378 9.34 -13.90 14.56
CA TYR B 378 9.86 -12.76 15.32
C TYR B 378 8.96 -12.41 16.50
N ILE B 379 7.65 -12.47 16.33
CA ILE B 379 6.72 -12.10 17.40
C ILE B 379 6.86 -13.04 18.59
N PHE B 380 7.16 -14.28 18.34
CA PHE B 380 7.21 -15.33 19.34
C PHE B 380 8.65 -15.63 19.71
N PRO B 381 8.89 -16.27 20.87
CA PRO B 381 10.27 -16.63 21.23
C PRO B 381 10.87 -17.61 20.24
N GLU B 382 12.21 -17.71 20.29
CA GLU B 382 12.92 -18.65 19.45
C GLU B 382 12.54 -20.09 19.73
N SER B 383 11.93 -20.36 20.89
CA SER B 383 11.61 -21.72 21.28
C SER B 383 10.43 -22.28 20.49
N THR B 384 9.40 -21.47 20.29
CA THR B 384 8.18 -21.97 19.67
C THR B 384 8.41 -22.33 18.21
N ARG B 385 7.61 -23.28 17.72
CA ARG B 385 7.73 -23.75 16.35
C ARG B 385 6.76 -23.00 15.45
N ILE B 386 7.24 -22.64 14.26
CA ILE B 386 6.42 -21.99 13.24
C ILE B 386 6.32 -22.98 12.09
N LEU B 387 5.11 -23.47 11.82
CA LEU B 387 4.91 -24.58 10.89
C LEU B 387 4.48 -24.02 9.52
N ALA B 388 5.45 -23.89 8.62
CA ALA B 388 5.23 -23.50 7.24
C ALA B 388 6.39 -24.04 6.43
N PRO B 389 6.17 -24.39 5.16
CA PRO B 389 7.27 -24.95 4.36
C PRO B 389 8.51 -24.06 4.30
N SER B 390 8.39 -22.79 4.67
CA SER B 390 9.49 -21.84 4.64
C SER B 390 10.17 -21.64 6.00
N THR B 391 9.60 -22.18 7.08
CA THR B 391 10.20 -22.05 8.41
C THR B 391 10.31 -23.38 9.15
N ASP B 392 10.04 -24.52 8.50
CA ASP B 392 10.15 -25.80 9.18
C ASP B 392 10.22 -26.95 8.17
N PRO B 393 11.23 -27.82 8.28
CA PRO B 393 11.34 -28.95 7.34
C PRO B 393 10.20 -29.94 7.42
N SER B 394 9.51 -30.05 8.56
CA SER B 394 8.43 -31.01 8.74
C SER B 394 7.06 -30.46 8.41
N ALA B 395 6.97 -29.19 7.99
CA ALA B 395 5.67 -28.56 7.81
C ALA B 395 4.98 -29.08 6.55
N LEU B 396 3.65 -28.93 6.54
CA LEU B 396 2.78 -29.34 5.44
C LEU B 396 2.24 -28.12 4.71
N ASN B 397 1.73 -28.36 3.51
CA ASN B 397 1.07 -27.33 2.72
C ASN B 397 -0.11 -26.76 3.50
N PRO B 398 -0.10 -25.47 3.85
CA PRO B 398 -1.21 -24.91 4.65
C PRO B 398 -2.58 -25.04 3.99
N SER B 399 -2.63 -25.10 2.66
CA SER B 399 -3.90 -25.27 1.98
C SER B 399 -4.51 -26.65 2.23
N GLU B 400 -3.65 -27.66 2.39
CA GLU B 400 -4.10 -29.04 2.47
C GLU B 400 -4.49 -29.49 3.88
N LEU B 401 -4.06 -28.77 4.91
CA LEU B 401 -4.28 -29.18 6.30
C LEU B 401 -5.75 -29.51 6.57
N GLN B 402 -6.64 -28.56 6.30
CA GLN B 402 -8.04 -28.72 6.70
C GLN B 402 -8.66 -29.96 6.08
N ALA B 403 -8.39 -30.20 4.79
CA ALA B 403 -8.94 -31.38 4.12
C ALA B 403 -8.38 -32.67 4.72
N ARG B 404 -7.09 -32.69 5.02
CA ARG B 404 -6.48 -33.88 5.63
C ARG B 404 -7.11 -34.18 6.98
N GLY B 405 -7.24 -33.17 7.84
CA GLY B 405 -7.88 -33.36 9.13
C GLY B 405 -9.24 -34.02 9.03
N ALA B 406 -10.10 -33.50 8.16
CA ALA B 406 -11.40 -34.12 7.93
C ALA B 406 -11.25 -35.54 7.39
N ALA B 407 -10.34 -35.73 6.42
CA ALA B 407 -10.12 -37.05 5.83
C ALA B 407 -9.75 -38.07 6.90
N LEU B 408 -8.80 -37.72 7.77
CA LEU B 408 -8.42 -38.62 8.86
C LEU B 408 -9.60 -38.88 9.78
N GLN B 409 -10.22 -37.81 10.28
CA GLN B 409 -11.36 -37.96 11.19
C GLN B 409 -12.43 -38.87 10.60
N ALA B 410 -12.73 -38.71 9.31
CA ALA B 410 -13.69 -39.59 8.65
C ALA B 410 -13.26 -41.06 8.76
N SER B 411 -11.95 -41.32 8.70
CA SER B 411 -11.48 -42.71 8.78
C SER B 411 -11.84 -43.34 10.11
N LEU B 412 -11.74 -42.59 11.21
CA LEU B 412 -12.10 -43.17 12.50
C LEU B 412 -13.60 -43.36 12.63
N ILE B 413 -14.39 -42.49 12.01
CA ILE B 413 -15.84 -42.52 12.23
C ILE B 413 -16.53 -43.60 11.39
N GLN B 414 -16.00 -43.91 10.19
CA GLN B 414 -16.72 -44.74 9.24
C GLN B 414 -17.23 -46.04 9.84
N GLU B 415 -16.52 -46.57 10.84
CA GLU B 415 -16.91 -47.84 11.46
C GLU B 415 -18.07 -47.67 12.45
N PHE B 416 -18.21 -46.49 13.05
CA PHE B 416 -19.19 -46.26 14.10
C PHE B 416 -20.55 -45.91 13.51
N GLU B 417 -21.57 -45.94 14.37
CA GLU B 417 -22.93 -45.60 14.00
C GLU B 417 -23.16 -44.10 14.16
N THR B 418 -24.09 -43.57 13.37
CA THR B 418 -24.38 -42.14 13.45
C THR B 418 -24.93 -41.74 14.81
N GLU B 419 -25.58 -42.68 15.51
CA GLU B 419 -26.02 -42.40 16.87
C GLU B 419 -24.85 -42.45 17.84
N ASP B 420 -23.88 -43.32 17.58
CA ASP B 420 -22.70 -43.43 18.43
C ASP B 420 -21.96 -42.10 18.51
N ILE B 421 -21.74 -41.46 17.37
CA ILE B 421 -20.95 -40.23 17.32
C ILE B 421 -21.76 -39.05 17.86
N GLU B 422 -23.06 -39.01 17.57
CA GLU B 422 -23.85 -37.83 17.90
C GLU B 422 -24.01 -37.68 19.41
N GLN B 423 -24.21 -38.79 20.13
CA GLN B 423 -24.34 -38.72 21.57
C GLN B 423 -23.02 -38.32 22.23
N SER B 424 -21.90 -38.66 21.61
CA SER B 424 -20.60 -38.27 22.13
C SER B 424 -20.39 -36.75 22.10
N THR B 425 -21.11 -36.04 21.24
CA THR B 425 -20.86 -34.60 21.06
C THR B 425 -21.28 -33.79 22.28
N HIS B 426 -22.53 -33.89 22.70
CA HIS B 426 -23.00 -32.93 23.71
C HIS B 426 -22.57 -33.30 25.12
N ALA B 427 -22.71 -34.57 25.50
CA ALA B 427 -22.45 -34.95 26.88
C ALA B 427 -20.96 -35.07 27.18
N ALA B 428 -20.23 -35.82 26.35
CA ALA B 428 -18.83 -36.09 26.64
C ALA B 428 -17.96 -34.84 26.47
N VAL B 429 -18.28 -34.00 25.48
CA VAL B 429 -17.46 -32.81 25.23
C VAL B 429 -17.54 -31.86 26.41
N THR B 430 -18.73 -31.69 26.99
CA THR B 430 -18.92 -30.68 28.03
C THR B 430 -18.37 -31.15 29.37
N THR B 431 -18.58 -32.42 29.71
CA THR B 431 -18.43 -32.87 31.09
C THR B 431 -17.03 -32.65 31.65
N MET B 432 -16.00 -32.71 30.82
CA MET B 432 -14.63 -32.75 31.31
C MET B 432 -14.20 -31.40 31.87
N PRO B 433 -13.78 -31.33 33.14
CA PRO B 433 -13.21 -30.10 33.68
C PRO B 433 -11.70 -30.05 33.49
N HIS B 434 -11.17 -28.84 33.60
CA HIS B 434 -9.75 -28.58 33.33
C HIS B 434 -9.13 -27.84 34.49
N VAL B 435 -7.90 -28.25 34.85
CA VAL B 435 -7.17 -27.61 35.94
C VAL B 435 -6.64 -26.26 35.49
N THR B 436 -6.79 -25.24 36.35
CA THR B 436 -6.36 -23.90 36.00
C THR B 436 -4.89 -23.67 36.25
N ASN B 437 -4.27 -24.47 37.12
CA ASN B 437 -2.86 -24.33 37.45
C ASN B 437 -2.09 -25.55 36.96
N ALA B 438 -0.84 -25.32 36.59
CA ALA B 438 0.08 -26.43 36.38
C ALA B 438 0.42 -27.05 37.72
N ILE B 439 0.78 -28.32 37.70
CA ILE B 439 1.27 -29.00 38.89
C ILE B 439 2.51 -29.79 38.50
N GLY B 440 3.57 -29.67 39.31
CA GLY B 440 4.80 -30.38 39.07
C GLY B 440 5.52 -30.61 40.38
N VAL B 441 6.59 -31.39 40.30
CA VAL B 441 7.46 -31.56 41.46
C VAL B 441 8.43 -30.39 41.50
N VAL B 442 8.67 -29.87 42.70
CA VAL B 442 9.60 -28.77 42.87
C VAL B 442 10.97 -29.33 43.22
N SER B 443 12.00 -28.85 42.53
CA SER B 443 13.39 -29.25 42.77
C SER B 443 14.20 -27.96 42.83
N VAL B 444 14.54 -27.54 44.05
CA VAL B 444 15.33 -26.33 44.24
C VAL B 444 16.81 -26.67 44.14
N SER B 445 17.62 -25.66 43.88
CA SER B 445 19.06 -25.78 43.76
C SER B 445 19.45 -26.77 42.65
N PHE B 452 11.47 -25.55 40.00
CA PHE B 452 10.20 -26.18 39.65
C PHE B 452 10.23 -26.79 38.26
N VAL B 453 9.89 -28.08 38.18
CA VAL B 453 9.72 -28.78 36.92
C VAL B 453 8.25 -29.21 36.84
N PRO B 454 7.52 -28.85 35.79
CA PRO B 454 6.12 -29.29 35.68
C PRO B 454 6.02 -30.75 35.28
N ILE B 455 5.04 -31.44 35.86
CA ILE B 455 4.72 -32.81 35.50
C ILE B 455 3.39 -32.89 34.74
N ILE B 456 2.36 -32.21 35.24
CA ILE B 456 1.06 -32.13 34.56
C ILE B 456 0.81 -30.69 34.16
N ALA B 457 0.82 -30.43 32.85
CA ALA B 457 0.70 -29.08 32.32
C ALA B 457 -0.68 -28.48 32.64
N PRO B 458 -0.78 -27.15 32.73
CA PRO B 458 -2.07 -26.53 33.04
C PRO B 458 -3.11 -26.80 31.96
N GLU B 459 -4.38 -26.61 32.33
CA GLU B 459 -5.52 -26.74 31.42
C GLU B 459 -5.70 -28.16 30.90
N THR B 460 -5.15 -29.15 31.59
CA THR B 460 -5.34 -30.54 31.21
C THR B 460 -6.70 -31.04 31.70
N ALA B 461 -7.39 -31.79 30.85
CA ALA B 461 -8.69 -32.33 31.21
C ALA B 461 -8.51 -33.58 32.07
N VAL B 462 -9.38 -33.73 33.06
CA VAL B 462 -9.28 -34.86 33.97
C VAL B 462 -10.19 -35.97 33.47
N PRO B 463 -9.83 -37.24 33.73
CA PRO B 463 -8.64 -37.74 34.42
C PRO B 463 -7.48 -38.10 33.48
N ALA B 464 -6.24 -37.93 33.97
CA ALA B 464 -5.05 -38.22 33.17
C ALA B 464 -3.97 -38.84 34.05
N ARG B 465 -2.85 -39.21 33.42
CA ARG B 465 -1.70 -39.81 34.07
C ARG B 465 -0.43 -39.27 33.42
N ARG B 466 0.59 -38.97 34.24
CA ARG B 466 1.86 -38.44 33.75
C ARG B 466 3.02 -39.01 34.56
N THR B 467 4.20 -39.05 33.94
CA THR B 467 5.40 -39.60 34.57
C THR B 467 6.64 -38.93 34.01
N VAL B 468 7.60 -38.63 34.90
CA VAL B 468 8.91 -38.07 34.55
C VAL B 468 9.94 -38.75 35.45
N HIS B 469 11.22 -38.40 35.27
CA HIS B 469 12.26 -39.02 36.08
C HIS B 469 12.87 -38.00 37.04
N VAL B 479 15.38 -38.24 47.74
CA VAL B 479 14.94 -37.32 46.72
C VAL B 479 13.95 -36.34 47.31
N LEU B 480 13.12 -36.84 48.23
CA LEU B 480 12.02 -36.06 48.81
C LEU B 480 11.24 -35.41 47.68
N VAL B 481 10.24 -36.10 47.14
CA VAL B 481 9.52 -35.60 45.98
C VAL B 481 8.35 -34.77 46.46
N LYS B 482 8.28 -33.52 46.00
CA LYS B 482 7.33 -32.54 46.50
C LYS B 482 6.58 -31.93 45.33
N VAL B 483 5.30 -32.28 45.20
CA VAL B 483 4.46 -31.81 44.10
C VAL B 483 3.81 -30.48 44.49
N VAL B 484 3.89 -29.49 43.60
CA VAL B 484 3.34 -28.17 43.86
C VAL B 484 2.62 -27.66 42.62
N GLU B 485 1.80 -26.63 42.82
CA GLU B 485 1.13 -25.94 41.73
C GLU B 485 2.01 -24.82 41.18
N GLY B 486 1.82 -24.52 39.90
CA GLY B 486 2.63 -23.50 39.24
C GLY B 486 1.89 -22.55 38.33
N SER B 487 2.27 -21.27 38.34
CA SER B 487 1.72 -20.27 37.46
C SER B 487 2.85 -19.57 36.72
N THR B 488 2.50 -18.89 35.62
CA THR B 488 3.46 -18.22 34.76
C THR B 488 3.34 -16.70 34.87
N HIS B 489 4.46 -16.03 35.09
CA HIS B 489 4.55 -14.57 35.06
C HIS B 489 5.67 -14.17 34.10
N ILE B 490 5.75 -12.86 33.83
CA ILE B 490 6.82 -12.30 33.01
C ILE B 490 7.41 -11.10 33.75
N ASN B 491 8.67 -10.80 33.43
CA ASN B 491 9.39 -9.71 34.08
C ASN B 491 10.15 -8.92 33.03
N VAL B 492 9.97 -7.61 33.02
CA VAL B 492 10.60 -6.75 32.02
C VAL B 492 12.00 -6.32 32.49
N ARG B 535 12.28 -10.08 28.60
CA ARG B 535 11.24 -10.75 29.37
C ARG B 535 11.26 -12.25 29.09
N GLU B 536 10.90 -13.06 30.08
CA GLU B 536 10.78 -14.50 29.88
C GLU B 536 9.92 -15.05 31.00
N LYS B 537 9.38 -16.25 30.75
CA LYS B 537 8.45 -16.88 31.68
C LYS B 537 9.14 -17.29 32.98
N VAL B 538 8.45 -17.03 34.09
CA VAL B 538 8.89 -17.44 35.42
C VAL B 538 7.74 -18.20 36.07
N TRP B 539 8.05 -18.88 37.18
CA TRP B 539 7.08 -19.73 37.84
C TRP B 539 6.78 -19.23 39.25
N LYS B 540 5.54 -19.44 39.68
CA LYS B 540 5.09 -19.16 41.03
C LYS B 540 4.55 -20.45 41.63
N ILE B 541 4.97 -20.76 42.86
CA ILE B 541 4.78 -22.07 43.46
C ILE B 541 3.49 -22.07 44.29
N GLY B 542 2.57 -22.96 43.96
CA GLY B 542 1.32 -23.11 44.67
C GLY B 542 1.42 -24.05 45.85
N SER B 543 0.26 -24.51 46.32
CA SER B 543 0.22 -25.39 47.47
C SER B 543 0.73 -26.79 47.12
N THR B 544 1.12 -27.52 48.16
CA THR B 544 1.77 -28.82 48.03
C THR B 544 0.81 -29.95 48.37
N LEU B 545 1.09 -31.12 47.84
CA LEU B 545 0.43 -32.35 48.25
C LEU B 545 1.33 -33.10 49.23
N ALA B 546 0.71 -33.73 50.22
CA ALA B 546 1.40 -34.13 51.43
C ALA B 546 1.97 -35.55 51.34
N GLU B 547 2.97 -35.80 52.19
CA GLU B 547 3.48 -37.13 52.50
C GLU B 547 4.13 -37.84 51.32
N ALA B 548 5.37 -37.44 50.97
CA ALA B 548 6.15 -38.19 50.01
C ALA B 548 7.62 -38.05 50.36
N ALA B 549 8.33 -39.18 50.39
CA ALA B 549 9.75 -39.22 50.71
C ALA B 549 10.34 -40.50 50.15
N VAL B 550 11.41 -40.39 49.38
CA VAL B 550 12.05 -41.57 48.81
C VAL B 550 13.39 -41.84 49.50
N LYS B 558 18.26 -41.77 39.42
CA LYS B 558 17.03 -41.03 39.15
C LYS B 558 15.80 -41.84 39.54
N VAL B 559 14.69 -41.14 39.79
CA VAL B 559 13.47 -41.75 40.30
C VAL B 559 12.31 -41.26 39.45
N GLU B 560 11.51 -42.20 38.94
CA GLU B 560 10.37 -41.87 38.10
C GLU B 560 9.11 -41.80 38.95
N VAL B 561 8.46 -40.63 38.92
CA VAL B 561 7.28 -40.36 39.73
C VAL B 561 6.07 -40.30 38.80
N THR B 562 5.01 -41.00 39.18
CA THR B 562 3.77 -41.07 38.41
C THR B 562 2.64 -40.52 39.26
N ILE B 563 1.81 -39.65 38.68
CA ILE B 563 0.72 -38.99 39.39
C ILE B 563 -0.56 -39.16 38.56
N ASN B 564 -1.64 -39.56 39.23
CA ASN B 564 -2.89 -39.91 38.57
C ASN B 564 -4.02 -39.06 39.15
N VAL B 565 -4.63 -38.23 38.31
CA VAL B 565 -5.78 -37.42 38.68
C VAL B 565 -7.05 -38.22 38.43
N ASN B 566 -8.10 -37.92 39.18
CA ASN B 566 -9.36 -38.64 39.11
C ASN B 566 -10.49 -37.70 38.71
N THR B 567 -11.60 -38.30 38.26
CA THR B 567 -12.80 -37.53 37.97
C THR B 567 -13.26 -36.73 39.18
N ASP B 568 -13.04 -37.24 40.39
CA ASP B 568 -13.39 -36.56 41.63
C ASP B 568 -12.32 -35.55 42.06
N LEU B 569 -11.43 -35.16 41.16
CA LEU B 569 -10.38 -34.18 41.38
C LEU B 569 -9.39 -34.60 42.47
N THR B 570 -9.42 -35.86 42.89
CA THR B 570 -8.44 -36.35 43.85
C THR B 570 -7.12 -36.59 43.13
N VAL B 571 -6.02 -36.48 43.88
CA VAL B 571 -4.69 -36.54 43.32
C VAL B 571 -3.95 -37.70 43.96
N ILE B 572 -3.42 -38.60 43.13
CA ILE B 572 -2.77 -39.84 43.57
C ILE B 572 -1.38 -39.86 42.97
N VAL B 573 -0.36 -39.64 43.80
CA VAL B 573 1.02 -39.70 43.36
C VAL B 573 1.62 -41.02 43.80
N THR B 574 2.33 -41.69 42.89
CA THR B 574 3.05 -42.91 43.18
C THR B 574 4.48 -42.80 42.65
N ALA B 575 5.45 -43.30 43.41
CA ALA B 575 6.85 -43.23 43.06
C ALA B 575 7.44 -44.63 42.99
N ARG B 576 8.35 -44.85 42.05
CA ARG B 576 9.03 -46.15 41.92
C ARG B 576 10.36 -45.91 41.20
N GLU B 577 11.40 -45.67 42.00
CA GLU B 577 12.73 -45.42 41.45
C GLU B 577 13.34 -46.69 40.90
N VAL B 578 14.00 -46.58 39.74
CA VAL B 578 14.74 -47.69 39.16
C VAL B 578 16.12 -47.21 38.71
N LEU C 14 -7.91 -30.93 45.81
CA LEU C 14 -7.79 -29.78 44.91
C LEU C 14 -8.64 -28.60 45.37
N THR C 15 -8.16 -27.39 45.09
CA THR C 15 -8.94 -26.19 45.36
C THR C 15 -10.11 -26.11 44.39
N GLN C 16 -11.25 -25.62 44.88
CA GLN C 16 -12.46 -25.60 44.06
C GLN C 16 -12.32 -24.68 42.86
N GLU C 17 -11.61 -23.56 43.02
CA GLU C 17 -11.37 -22.65 41.91
C GLU C 17 -10.30 -23.16 40.95
N GLY C 18 -9.63 -24.26 41.28
CA GLY C 18 -8.62 -24.80 40.39
C GLY C 18 -9.17 -25.54 39.18
N SER C 19 -10.44 -25.94 39.23
CA SER C 19 -11.08 -26.71 38.17
C SER C 19 -12.05 -25.81 37.43
N SER C 20 -11.73 -25.49 36.18
CA SER C 20 -12.65 -24.82 35.27
C SER C 20 -13.30 -25.86 34.35
N MET C 21 -14.51 -25.54 33.89
CA MET C 21 -15.20 -26.39 32.94
C MET C 21 -14.95 -25.87 31.53
N ARG C 22 -14.36 -26.71 30.69
CA ARG C 22 -14.13 -26.37 29.29
C ARG C 22 -14.55 -27.54 28.42
N THR C 23 -14.78 -27.25 27.14
CA THR C 23 -15.29 -28.22 26.19
C THR C 23 -14.20 -28.62 25.21
N LEU C 24 -14.13 -29.92 24.93
CA LEU C 24 -13.11 -30.49 24.06
C LEU C 24 -13.58 -30.53 22.62
N GLU C 25 -12.63 -30.41 21.70
CA GLU C 25 -12.92 -30.61 20.29
C GLU C 25 -13.00 -32.10 19.99
N PRO C 26 -14.17 -32.63 19.64
CA PRO C 26 -14.30 -34.08 19.44
C PRO C 26 -13.67 -34.55 18.14
N VAL C 27 -12.35 -34.60 18.07
CA VAL C 27 -11.67 -34.99 16.83
C VAL C 27 -10.56 -35.99 17.12
N GLY C 28 -10.01 -35.97 18.33
CA GLY C 28 -8.91 -36.84 18.66
C GLY C 28 -9.32 -38.30 18.74
N PRO C 29 -8.41 -39.21 18.39
CA PRO C 29 -8.67 -40.62 18.68
C PRO C 29 -8.77 -40.87 20.17
N HIS C 30 -7.91 -40.23 20.96
CA HIS C 30 -7.99 -40.35 22.41
C HIS C 30 -9.33 -39.84 22.93
N PHE C 31 -9.87 -38.78 22.31
CA PHE C 31 -11.19 -38.31 22.69
C PHE C 31 -12.24 -39.39 22.46
N LEU C 32 -12.16 -40.08 21.32
CA LEU C 32 -13.03 -41.22 21.07
C LEU C 32 -12.89 -42.27 22.16
N ALA C 33 -11.67 -42.50 22.63
CA ALA C 33 -11.46 -43.42 23.75
C ALA C 33 -12.16 -42.93 25.00
N HIS C 34 -12.05 -41.62 25.29
CA HIS C 34 -12.74 -41.07 26.45
C HIS C 34 -14.26 -41.18 26.30
N ALA C 35 -14.79 -40.87 25.12
CA ALA C 35 -16.23 -40.86 24.93
C ALA C 35 -16.83 -42.25 25.08
N ARG C 36 -16.13 -43.28 24.61
CA ARG C 36 -16.63 -44.64 24.77
C ARG C 36 -16.68 -45.03 26.25
N ARG C 37 -15.77 -44.49 27.07
CA ARG C 37 -15.85 -44.73 28.50
C ARG C 37 -17.07 -44.07 29.12
N VAL C 38 -17.57 -43.01 28.50
CA VAL C 38 -18.78 -42.35 29.01
C VAL C 38 -20.03 -43.10 28.59
N ARG C 39 -20.03 -43.74 27.41
CA ARG C 39 -21.14 -44.60 27.04
C ARG C 39 -21.27 -45.79 27.99
N HIS C 40 -20.15 -46.38 28.37
CA HIS C 40 -20.17 -47.48 29.34
C HIS C 40 -20.70 -47.01 30.69
N LYS C 41 -20.17 -45.90 31.19
CA LYS C 41 -20.59 -45.38 32.49
C LYS C 41 -22.08 -45.03 32.48
N ARG C 42 -22.58 -44.51 31.37
CA ARG C 42 -23.99 -44.12 31.26
C ARG C 42 -24.92 -45.33 31.42
N ASP D 7 -7.49 49.12 -44.43
CA ASP D 7 -6.78 48.13 -45.23
C ASP D 7 -7.60 46.84 -45.36
N PHE D 8 -7.02 45.82 -46.00
CA PHE D 8 -7.73 44.54 -46.18
C PHE D 8 -7.74 43.79 -44.85
N LYS D 9 -8.92 43.64 -44.27
CA LYS D 9 -9.10 42.97 -42.98
C LYS D 9 -10.32 42.06 -43.08
N ALA D 10 -10.15 40.78 -42.81
CA ALA D 10 -11.20 39.78 -42.91
C ALA D 10 -11.52 39.22 -41.53
N ILE D 11 -12.78 38.81 -41.35
CA ILE D 11 -13.29 38.32 -40.07
C ILE D 11 -13.64 36.84 -40.24
N GLY D 12 -12.84 35.98 -39.62
CA GLY D 12 -13.07 34.54 -39.68
C GLY D 12 -13.53 33.97 -38.36
N LYS D 13 -14.16 32.79 -38.41
CA LYS D 13 -14.68 32.13 -37.21
C LYS D 13 -13.97 30.80 -37.02
N LEU D 14 -13.44 30.60 -35.83
CA LEU D 14 -12.78 29.34 -35.49
C LEU D 14 -13.82 28.22 -35.39
N THR D 15 -13.40 27.01 -35.76
CA THR D 15 -14.26 25.85 -35.60
C THR D 15 -14.70 25.71 -34.15
N GLN D 16 -16.01 25.56 -33.95
CA GLN D 16 -16.57 25.58 -32.60
C GLN D 16 -15.84 24.63 -31.66
N GLU D 17 -15.30 23.53 -32.18
CA GLU D 17 -14.53 22.58 -31.38
C GLU D 17 -13.04 22.91 -31.34
N GLY D 18 -12.64 24.07 -31.83
CA GLY D 18 -11.22 24.45 -31.80
C GLY D 18 -10.73 24.88 -30.44
N SER D 19 -11.61 25.03 -29.45
CA SER D 19 -11.23 25.53 -28.14
C SER D 19 -11.92 24.71 -27.06
N SER D 20 -11.13 24.07 -26.20
CA SER D 20 -11.64 23.32 -25.08
C SER D 20 -11.31 24.07 -23.78
N MET D 21 -12.14 23.86 -22.76
CA MET D 21 -12.03 24.62 -21.53
C MET D 21 -10.87 24.10 -20.69
N ARG D 22 -9.93 24.99 -20.36
CA ARG D 22 -8.78 24.65 -19.53
C ARG D 22 -8.57 25.74 -18.49
N THR D 23 -7.67 25.48 -17.56
CA THR D 23 -7.45 26.33 -16.41
C THR D 23 -5.99 26.77 -16.35
N LEU D 24 -5.74 27.92 -15.73
CA LEU D 24 -4.44 28.58 -15.81
C LEU D 24 -3.79 28.67 -14.44
N GLU D 25 -2.51 29.08 -14.44
CA GLU D 25 -1.72 29.20 -13.23
C GLU D 25 -1.65 30.66 -12.81
N PRO D 26 -2.28 31.05 -11.71
CA PRO D 26 -2.34 32.47 -11.32
C PRO D 26 -1.06 32.99 -10.68
N VAL D 27 0.04 32.94 -11.45
CA VAL D 27 1.32 33.48 -11.02
C VAL D 27 1.88 34.33 -12.15
N GLY D 28 2.89 35.14 -11.81
CA GLY D 28 3.63 35.90 -12.79
C GLY D 28 3.01 37.24 -13.11
N PRO D 29 3.84 38.19 -13.55
CA PRO D 29 3.32 39.52 -13.89
C PRO D 29 2.36 39.51 -15.07
N HIS D 30 2.55 38.60 -16.03
CA HIS D 30 1.69 38.60 -17.22
C HIS D 30 0.27 38.13 -16.88
N PHE D 31 0.13 37.21 -15.93
CA PHE D 31 -1.20 36.87 -15.45
C PHE D 31 -1.80 38.02 -14.66
N LEU D 32 -1.03 38.58 -13.73
CA LEU D 32 -1.55 39.64 -12.87
C LEU D 32 -1.91 40.87 -13.69
N ALA D 33 -1.16 41.15 -14.76
CA ALA D 33 -1.52 42.24 -15.65
C ALA D 33 -2.79 41.92 -16.42
N HIS D 34 -2.94 40.67 -16.87
CA HIS D 34 -4.16 40.26 -17.55
C HIS D 34 -5.33 40.16 -16.58
N ALA D 35 -5.06 39.87 -15.31
CA ALA D 35 -6.13 39.81 -14.32
C ALA D 35 -6.81 41.17 -14.17
N ARG D 36 -6.08 42.25 -14.42
CA ARG D 36 -6.68 43.58 -14.42
C ARG D 36 -7.77 43.69 -15.48
N ARG D 37 -7.52 43.17 -16.68
CA ARG D 37 -8.49 43.28 -17.76
C ARG D 37 -9.77 42.50 -17.45
N VAL D 38 -9.66 41.38 -16.74
CA VAL D 38 -10.83 40.54 -16.50
C VAL D 38 -11.71 41.15 -15.42
N ARG D 39 -11.12 41.70 -14.36
CA ARG D 39 -11.90 42.37 -13.33
C ARG D 39 -12.67 43.55 -13.91
N HIS D 40 -12.08 44.24 -14.90
CA HIS D 40 -12.71 45.40 -15.50
C HIS D 40 -13.98 45.03 -16.26
N LYS D 41 -13.93 43.93 -17.01
CA LYS D 41 -15.07 43.51 -17.80
C LYS D 41 -15.94 42.52 -17.03
#